data_7U8U
#
_entry.id   7U8U
#
_cell.length_a   66.368
_cell.length_b   118.587
_cell.length_c   69.393
_cell.angle_alpha   90.000
_cell.angle_beta   90.870
_cell.angle_gamma   90.000
#
_symmetry.space_group_name_H-M   'P 1 21 1'
#
loop_
_entity.id
_entity.type
_entity.pdbx_description
1 polymer 'Heat shock protein 75 kDa, mitochondrial'
2 non-polymer [2-hydroxy-5-(2H-isoindole-2-carbonyl)phenyl]{5-[3-(triphenyl-lambda~5~-phosphanyl)propoxy]-2H-isoindol-2-yl}methanone
#
_entity_poly.entity_id   1
_entity_poly.type   'polypeptide(L)'
_entity_poly.pdbx_seq_one_letter_code
;PLHSIISSTESVQGSTSKHEFQAETKKLLDIVARSLYSEKEVFIRELISNASDALEKLRHKLVSDGQALPEMEIHLQTNA
EKGTITIQDTGIGMTQEELVSNLGTIARSGSKAFLDALQNQAEASSKIIGQFGVGFYSAFMVADRVEVYSRSAAPGSLGY
QWLSDGSGVFEIAEASGVRTGTKIIIHLKSDCKEFSSEARVRDVVTKYSNFVSFPLYLNGRRMNTLQAIWMMDPKDVREW
QHEEFYRYVAQAHDKPRYTLHYKTDAPLNIRSIFYVPDMKPSMFDVSRELGSSVALYSRKVLIQTKATDILPKWLRFIRG
VVDSEDIPLNLSRELLQESALIRKLRDVLQQRLIKFFIDQSKKDAEKYAKFFEDYGLFMREGIVTATEQEVKEDIAKLLR
YESSALPSGQLTSLSEYASRMRAGTRNIYYLCAPNRHLAEHSPYYEAMKKKDTEVLFCFEQFDELTLLHLREFDKKKLIS
VET
;
_entity_poly.pdbx_strand_id   A,B
#
# COMPACT_ATOMS: atom_id res chain seq x y z
N PRO A 1 8.68 -25.47 24.32
CA PRO A 1 8.33 -24.39 25.26
C PRO A 1 7.54 -23.23 24.64
N LEU A 2 6.24 -23.14 24.93
CA LEU A 2 5.41 -22.03 24.50
C LEU A 2 5.28 -21.03 25.64
N HIS A 3 5.48 -19.75 25.36
CA HIS A 3 5.35 -18.77 26.42
C HIS A 3 4.88 -17.42 25.92
N SER A 4 3.59 -17.14 26.14
CA SER A 4 2.97 -15.85 25.88
C SER A 4 1.99 -15.63 27.01
N ILE A 5 1.58 -14.37 27.16
CA ILE A 5 0.76 -13.94 28.27
C ILE A 5 -0.60 -13.41 27.83
N ILE A 6 -0.87 -13.37 26.53
CA ILE A 6 -2.03 -12.71 25.93
C ILE A 6 -3.28 -13.58 25.90
N SER A 7 -4.26 -13.19 26.72
CA SER A 7 -5.62 -13.72 26.70
C SER A 7 -6.57 -12.63 27.18
N SER A 8 -7.87 -12.85 26.95
CA SER A 8 -8.89 -11.90 27.39
C SER A 8 -9.13 -12.12 28.87
N THR A 9 -8.61 -11.21 29.67
CA THR A 9 -8.84 -11.18 31.10
C THR A 9 -9.78 -10.04 31.46
N GLU A 10 -10.29 -9.34 30.45
CA GLU A 10 -10.93 -8.05 30.63
C GLU A 10 -12.43 -8.16 30.45
N SER A 11 -13.09 -7.16 31.01
CA SER A 11 -14.51 -6.92 30.89
C SER A 11 -14.72 -5.44 31.18
N VAL A 12 -15.80 -4.88 30.64
CA VAL A 12 -16.23 -3.54 31.02
C VAL A 12 -17.52 -3.71 31.81
N GLN A 13 -17.41 -3.60 33.13
CA GLN A 13 -18.60 -3.62 33.96
C GLN A 13 -19.49 -2.43 33.67
N GLY A 14 -18.93 -1.22 33.71
CA GLY A 14 -19.68 0.00 33.53
C GLY A 14 -20.12 0.22 32.11
N SER A 15 -20.28 1.49 31.71
CA SER A 15 -20.61 1.80 30.34
C SER A 15 -19.70 2.92 29.85
N THR A 16 -19.33 2.87 28.58
CA THR A 16 -18.31 3.78 28.07
C THR A 16 -18.84 5.20 28.02
N SER A 17 -17.92 6.13 27.76
CA SER A 17 -18.20 7.55 27.61
C SER A 17 -17.52 8.05 26.34
N LYS A 18 -18.32 8.31 25.30
CA LYS A 18 -17.77 8.74 24.03
C LYS A 18 -17.13 10.12 24.16
N HIS A 19 -16.09 10.36 23.37
CA HIS A 19 -15.46 11.67 23.27
C HIS A 19 -15.25 12.04 21.82
N GLU A 20 -14.84 13.28 21.58
CA GLU A 20 -14.45 13.73 20.26
C GLU A 20 -12.95 13.97 20.23
N PHE A 21 -12.33 13.60 19.10
CA PHE A 21 -10.96 13.99 18.84
C PHE A 21 -10.90 15.47 18.57
N GLN A 22 -9.77 16.09 18.89
CA GLN A 22 -9.72 17.52 18.67
C GLN A 22 -9.86 17.81 17.18
N ALA A 23 -10.05 19.11 16.88
CA ALA A 23 -10.36 19.51 15.51
C ALA A 23 -9.32 18.98 14.53
N GLU A 24 -8.04 19.03 14.91
CA GLU A 24 -6.94 18.56 14.06
C GLU A 24 -6.77 17.04 14.03
N THR A 25 -6.78 16.35 15.18
CA THR A 25 -6.61 14.89 15.18
C THR A 25 -7.54 14.22 14.17
N LYS A 26 -8.67 14.86 13.85
CA LYS A 26 -9.59 14.31 12.86
C LYS A 26 -8.98 14.36 11.45
N LYS A 27 -8.51 15.54 11.03
CA LYS A 27 -8.16 15.78 9.64
C LYS A 27 -6.94 15.00 9.18
N LEU A 28 -6.19 14.39 10.09
CA LEU A 28 -5.16 13.44 9.71
C LEU A 28 -5.66 12.01 9.81
N LEU A 29 -6.57 11.74 10.75
CA LEU A 29 -7.20 10.43 10.91
C LEU A 29 -8.24 10.15 9.83
N ASP A 30 -8.40 11.04 8.85
CA ASP A 30 -9.20 10.76 7.67
C ASP A 30 -8.44 10.87 6.36
N ILE A 31 -7.49 11.80 6.24
CA ILE A 31 -6.59 11.78 5.09
C ILE A 31 -5.85 10.45 5.04
N VAL A 32 -5.57 9.87 6.21
CA VAL A 32 -4.96 8.55 6.28
C VAL A 32 -5.99 7.44 5.98
N ALA A 33 -7.27 7.69 6.23
CA ALA A 33 -8.35 6.74 5.94
C ALA A 33 -8.91 6.87 4.53
N GLU A 39 5.89 1.35 3.58
CA GLU A 39 4.60 1.95 3.31
C GLU A 39 3.48 1.38 4.20
N LYS A 40 3.27 0.07 4.10
CA LYS A 40 2.06 -0.56 4.62
C LYS A 40 2.29 -1.42 5.84
N GLU A 41 3.45 -2.05 5.94
CA GLU A 41 3.85 -2.92 7.05
C GLU A 41 4.48 -2.15 8.20
N VAL A 42 4.85 -0.90 7.95
CA VAL A 42 5.54 -0.02 8.87
C VAL A 42 5.02 -0.07 10.30
N PHE A 43 3.70 -0.18 10.47
CA PHE A 43 3.13 0.13 11.78
C PHE A 43 3.63 -0.74 12.92
N ILE A 44 3.97 -2.01 12.67
CA ILE A 44 4.41 -2.87 13.76
C ILE A 44 5.76 -2.38 14.28
N ARG A 45 6.61 -1.93 13.36
CA ARG A 45 7.84 -1.29 13.79
C ARG A 45 7.53 -0.18 14.80
N GLU A 46 6.57 0.69 14.49
CA GLU A 46 6.14 1.71 15.45
C GLU A 46 5.61 1.08 16.73
N LEU A 47 4.62 0.20 16.63
CA LEU A 47 4.03 -0.33 17.85
C LEU A 47 5.05 -1.06 18.71
N ILE A 48 6.03 -1.72 18.10
CA ILE A 48 7.08 -2.33 18.90
C ILE A 48 7.91 -1.28 19.60
N SER A 49 8.11 -0.12 18.94
CA SER A 49 8.91 0.93 19.55
C SER A 49 8.32 1.42 20.86
N ASN A 50 7.08 1.90 20.79
CA ASN A 50 6.38 2.39 21.97
C ASN A 50 6.36 1.35 23.08
N ALA A 51 6.03 0.12 22.72
CA ALA A 51 5.98 -0.97 23.69
C ALA A 51 7.33 -1.19 24.35
N SER A 52 8.43 -0.96 23.63
CA SER A 52 9.71 -0.94 24.32
C SER A 52 9.82 0.33 25.18
N ASP A 53 9.73 1.52 24.55
CA ASP A 53 9.84 2.81 25.25
C ASP A 53 9.00 2.85 26.52
N ALA A 54 7.81 2.26 26.46
CA ALA A 54 7.03 2.07 27.67
C ALA A 54 7.86 1.37 28.73
N LEU A 55 8.47 0.23 28.35
CA LEU A 55 9.17 -0.67 29.28
C LEU A 55 10.45 -0.04 29.78
N GLU A 56 11.15 0.70 28.92
CA GLU A 56 12.36 1.38 29.35
C GLU A 56 12.04 2.36 30.47
N LYS A 57 11.03 3.21 30.23
CA LYS A 57 10.56 4.20 31.20
C LYS A 57 10.16 3.55 32.53
N LEU A 58 9.63 2.33 32.50
CA LEU A 58 9.37 1.58 33.73
C LEU A 58 10.65 1.09 34.40
N ARG A 59 11.45 0.31 33.66
CA ARG A 59 12.65 -0.32 34.23
C ARG A 59 13.49 0.71 34.95
N HIS A 60 13.60 1.87 34.32
CA HIS A 60 14.41 2.98 34.77
C HIS A 60 13.90 3.53 36.09
N LYS A 61 12.68 3.19 36.44
CA LYS A 61 11.99 3.71 37.62
C LYS A 61 11.95 2.72 38.78
N LEU A 62 11.95 1.41 38.48
CA LEU A 62 12.07 0.42 39.53
C LEU A 62 13.50 0.36 40.09
N VAL A 63 14.52 0.42 39.23
CA VAL A 63 15.87 0.35 39.79
C VAL A 63 16.13 1.60 40.62
N SER A 64 15.49 2.72 40.26
CA SER A 64 15.57 3.96 41.01
C SER A 64 15.52 3.71 42.50
N ASP A 65 14.42 3.10 42.96
CA ASP A 65 14.29 2.68 44.35
C ASP A 65 14.88 1.28 44.53
N GLY A 66 14.47 0.33 43.68
CA GLY A 66 15.15 -0.94 43.61
C GLY A 66 14.49 -2.13 44.27
N GLN A 67 13.22 -2.40 43.96
CA GLN A 67 12.67 -3.69 44.31
C GLN A 67 12.64 -4.54 43.05
N ALA A 68 12.91 -5.85 43.21
CA ALA A 68 13.31 -6.72 42.12
C ALA A 68 12.38 -6.60 40.92
N LEU A 69 12.96 -6.65 39.71
CA LEU A 69 12.23 -6.26 38.52
C LEU A 69 11.21 -7.34 38.20
N PRO A 70 10.08 -6.99 37.54
CA PRO A 70 9.13 -8.02 37.15
C PRO A 70 9.47 -8.62 35.81
N GLU A 71 8.60 -9.47 35.30
CA GLU A 71 8.69 -9.86 33.90
C GLU A 71 8.49 -8.63 33.02
N MET A 72 9.34 -8.49 32.00
CA MET A 72 9.25 -7.35 31.10
C MET A 72 9.47 -7.87 29.68
N GLU A 73 8.37 -8.01 28.95
CA GLU A 73 8.36 -8.62 27.65
C GLU A 73 7.54 -7.73 26.71
N ILE A 74 7.45 -8.15 25.46
CA ILE A 74 6.63 -7.53 24.43
C ILE A 74 6.03 -8.68 23.66
N HIS A 75 4.72 -8.75 23.58
CA HIS A 75 4.13 -9.91 22.95
C HIS A 75 3.29 -9.47 21.77
N LEU A 76 3.15 -10.38 20.82
CA LEU A 76 2.41 -10.19 19.58
C LEU A 76 1.61 -11.47 19.38
N GLN A 77 0.36 -11.32 19.06
CA GLN A 77 -0.57 -12.41 18.97
C GLN A 77 -1.29 -12.23 17.64
N THR A 78 -1.49 -13.31 16.91
CA THR A 78 -2.32 -13.23 15.74
C THR A 78 -3.54 -14.14 15.90
N ASN A 79 -4.65 -13.70 15.32
CA ASN A 79 -5.87 -14.48 15.26
C ASN A 79 -6.33 -14.58 13.82
N ALA A 80 -6.32 -15.82 13.31
CA ALA A 80 -6.76 -16.11 11.96
C ALA A 80 -8.27 -15.93 11.81
N GLU A 81 -9.06 -16.46 12.77
CA GLU A 81 -10.50 -16.49 12.57
C GLU A 81 -11.17 -15.16 12.95
N LYS A 82 -10.62 -14.42 13.91
CA LYS A 82 -11.09 -13.09 14.25
C LYS A 82 -10.47 -12.00 13.39
N GLY A 83 -9.46 -12.33 12.59
CA GLY A 83 -8.85 -11.35 11.72
C GLY A 83 -8.03 -10.31 12.44
N THR A 84 -7.47 -10.65 13.61
CA THR A 84 -6.84 -9.64 14.44
C THR A 84 -5.33 -9.80 14.50
N ILE A 85 -4.72 -8.76 15.09
CA ILE A 85 -3.36 -8.67 15.59
C ILE A 85 -3.37 -7.96 16.95
N THR A 86 -2.48 -8.40 17.84
CA THR A 86 -2.48 -7.93 19.21
C THR A 86 -1.06 -7.72 19.68
N ILE A 87 -0.79 -6.59 20.32
CA ILE A 87 0.49 -6.29 20.92
C ILE A 87 0.24 -5.80 22.34
N GLN A 88 0.80 -6.52 23.30
CA GLN A 88 0.67 -6.18 24.71
C GLN A 88 2.05 -6.14 25.32
N ASP A 89 2.52 -4.96 25.68
CA ASP A 89 3.69 -4.91 26.52
C ASP A 89 3.23 -4.92 27.96
N THR A 90 4.17 -4.93 28.87
CA THR A 90 3.88 -4.98 30.29
C THR A 90 4.61 -3.83 30.92
N GLY A 91 4.61 -2.72 30.16
CA GLY A 91 5.46 -1.56 30.42
C GLY A 91 4.96 -0.70 31.55
N ILE A 92 5.17 0.61 31.41
CA ILE A 92 4.72 1.53 32.46
C ILE A 92 3.23 1.81 32.33
N GLY A 93 2.65 1.63 31.13
CA GLY A 93 1.24 1.89 30.90
C GLY A 93 0.81 3.35 30.80
N MET A 94 -0.46 3.56 30.45
CA MET A 94 -1.07 4.88 30.36
C MET A 94 -2.19 5.04 31.38
N THR A 95 -2.33 6.25 31.88
CA THR A 95 -3.47 6.57 32.72
C THR A 95 -4.65 7.12 31.91
N GLN A 96 -5.79 7.25 32.60
CA GLN A 96 -7.02 7.75 31.97
C GLN A 96 -6.80 9.10 31.31
N GLU A 97 -5.99 9.97 31.91
CA GLU A 97 -5.81 11.28 31.33
C GLU A 97 -5.03 11.19 30.04
N GLU A 98 -3.93 10.45 30.05
CA GLU A 98 -3.15 10.25 28.84
C GLU A 98 -4.01 9.65 27.73
N LEU A 99 -4.95 8.80 28.12
CA LEU A 99 -5.85 8.16 27.17
C LEU A 99 -6.73 9.15 26.42
N VAL A 100 -7.07 10.28 27.05
CA VAL A 100 -7.91 11.26 26.38
C VAL A 100 -7.09 12.37 25.74
N SER A 101 -5.90 12.66 26.25
CA SER A 101 -5.08 13.71 25.65
C SER A 101 -4.54 13.20 24.32
N ASN A 102 -5.06 13.77 23.23
CA ASN A 102 -4.63 13.54 21.84
C ASN A 102 -3.44 12.58 21.59
N GLY A 133 4.48 11.08 19.41
CA GLY A 133 3.23 10.37 19.25
C GLY A 133 3.01 9.85 17.83
N VAL A 134 3.70 8.75 17.53
CA VAL A 134 3.74 8.20 16.18
C VAL A 134 2.62 7.18 15.93
N GLY A 135 2.56 6.13 16.77
CA GLY A 135 1.83 4.89 16.48
C GLY A 135 0.34 5.02 16.27
N PHE A 136 -0.24 6.16 16.66
CA PHE A 136 -1.67 6.35 16.50
C PHE A 136 -2.09 6.23 15.03
N TYR A 137 -1.36 6.86 14.11
CA TYR A 137 -1.82 6.93 12.72
C TYR A 137 -1.47 5.71 11.89
N SER A 138 -0.47 4.94 12.27
CA SER A 138 -0.16 3.72 11.54
C SER A 138 -1.12 2.59 11.91
N ALA A 139 -1.42 2.44 13.20
CA ALA A 139 -2.38 1.43 13.61
C ALA A 139 -3.71 1.63 12.91
N PHE A 140 -4.16 2.88 12.82
CA PHE A 140 -5.43 3.14 12.14
C PHE A 140 -5.30 3.03 10.64
N MET A 141 -4.09 3.21 10.09
CA MET A 141 -3.92 3.02 8.66
C MET A 141 -4.14 1.58 8.25
N VAL A 142 -4.29 0.67 9.21
CA VAL A 142 -4.52 -0.72 8.89
C VAL A 142 -5.77 -1.22 9.61
N ALA A 143 -6.23 -0.46 10.59
CA ALA A 143 -7.34 -0.92 11.41
C ALA A 143 -8.63 -0.24 10.98
N ASP A 144 -9.71 -1.03 10.90
CA ASP A 144 -11.00 -0.37 10.95
C ASP A 144 -11.35 0.03 12.37
N ARG A 145 -10.84 -0.71 13.37
CA ARG A 145 -11.11 -0.34 14.75
C ARG A 145 -10.09 -0.94 15.71
N VAL A 146 -9.57 -0.09 16.59
CA VAL A 146 -8.61 -0.45 17.64
C VAL A 146 -9.33 -0.60 18.99
N GLU A 147 -8.81 -1.49 19.83
CA GLU A 147 -9.28 -1.74 21.19
C GLU A 147 -8.06 -1.63 22.09
N VAL A 148 -8.19 -0.99 23.26
CA VAL A 148 -7.04 -0.71 24.11
C VAL A 148 -7.32 -1.01 25.57
N TYR A 149 -6.40 -1.69 26.23
CA TYR A 149 -6.46 -1.97 27.66
C TYR A 149 -5.13 -1.48 28.18
N SER A 150 -5.17 -0.35 28.84
CA SER A 150 -4.02 0.22 29.50
C SER A 150 -4.22 0.08 31.01
N ARG A 151 -3.14 0.26 31.75
CA ARG A 151 -3.18 0.42 33.19
C ARG A 151 -1.83 0.87 33.71
N SER A 152 -1.78 1.97 34.44
CA SER A 152 -0.49 2.52 34.78
C SER A 152 0.09 1.72 35.93
N ALA A 153 1.41 1.81 36.07
CA ALA A 153 2.12 1.09 37.11
C ALA A 153 1.80 1.61 38.50
N ALA A 154 1.36 2.85 38.64
CA ALA A 154 1.19 3.40 39.96
C ALA A 154 0.05 2.66 40.66
N PRO A 155 0.30 1.94 41.75
CA PRO A 155 -0.70 1.04 42.32
C PRO A 155 -1.92 1.78 42.90
N SER A 157 -3.92 2.85 40.66
CA SER A 157 -4.41 3.17 39.31
C SER A 157 -5.18 2.01 38.69
N LEU A 158 -6.37 2.32 38.19
CA LEU A 158 -7.28 1.34 37.66
C LEU A 158 -7.04 1.20 36.17
N GLY A 159 -7.72 0.21 35.57
CA GLY A 159 -7.53 -0.10 34.17
C GLY A 159 -8.69 0.39 33.32
N TYR A 160 -8.39 0.72 32.07
CA TYR A 160 -9.34 1.33 31.17
C TYR A 160 -9.37 0.70 29.80
N GLN A 161 -10.58 0.62 29.24
CA GLN A 161 -10.75 0.29 27.83
C GLN A 161 -10.67 1.57 27.01
N TRP A 162 -10.32 1.42 25.73
CA TRP A 162 -10.25 2.56 24.82
C TRP A 162 -10.63 2.06 23.44
N LEU A 163 -11.80 2.45 22.94
CA LEU A 163 -12.31 1.98 21.66
C LEU A 163 -12.31 3.14 20.68
N SER A 164 -12.23 2.81 19.40
CA SER A 164 -12.38 3.84 18.38
C SER A 164 -12.49 3.12 17.05
N ASP A 165 -13.37 3.59 16.20
CA ASP A 165 -13.48 3.07 14.85
C ASP A 165 -12.97 4.09 13.85
N GLY A 166 -11.88 4.78 14.20
CA GLY A 166 -11.22 5.70 13.30
C GLY A 166 -12.03 6.90 12.84
N SER A 167 -13.32 6.94 13.18
CA SER A 167 -14.09 8.16 13.07
C SER A 167 -13.83 9.03 14.29
N GLY A 168 -14.35 10.26 14.24
CA GLY A 168 -14.10 11.28 15.25
C GLY A 168 -14.34 10.93 16.72
N VAL A 169 -14.87 9.74 17.00
CA VAL A 169 -15.34 9.40 18.33
C VAL A 169 -14.55 8.21 18.87
N PHE A 170 -14.13 8.33 20.13
CA PHE A 170 -13.47 7.24 20.84
C PHE A 170 -14.08 7.08 22.22
N GLU A 171 -14.64 5.92 22.48
CA GLU A 171 -15.14 5.60 23.81
C GLU A 171 -14.00 5.26 24.76
N ILE A 172 -14.23 5.48 26.05
CA ILE A 172 -13.25 5.10 27.08
C ILE A 172 -13.96 4.79 28.37
N ALA A 173 -13.75 3.59 28.89
CA ALA A 173 -14.44 3.11 30.08
C ALA A 173 -13.40 2.49 31.00
N GLU A 174 -13.67 2.52 32.29
CA GLU A 174 -12.92 1.70 33.22
C GLU A 174 -13.21 0.22 32.93
N ALA A 175 -12.18 -0.64 33.01
CA ALA A 175 -12.36 -2.04 32.63
C ALA A 175 -11.70 -2.97 33.63
N SER A 176 -12.34 -4.12 33.86
CA SER A 176 -11.96 -5.05 34.92
C SER A 176 -11.11 -6.18 34.38
N GLY A 177 -10.07 -6.54 35.11
CA GLY A 177 -9.17 -7.57 34.67
C GLY A 177 -8.01 -7.05 33.85
N VAL A 178 -7.95 -5.75 33.59
CA VAL A 178 -6.84 -5.23 32.81
C VAL A 178 -5.55 -5.60 33.52
N ARG A 179 -4.61 -6.13 32.75
CA ARG A 179 -3.28 -6.39 33.27
C ARG A 179 -2.38 -5.18 33.11
N THR A 180 -1.56 -4.93 34.14
CA THR A 180 -0.61 -3.82 34.15
C THR A 180 0.11 -3.72 32.82
N GLY A 181 0.37 -2.49 32.39
CA GLY A 181 0.91 -2.36 31.06
C GLY A 181 -0.17 -2.00 30.06
N THR A 182 -0.07 -2.48 28.83
CA THR A 182 -0.93 -1.98 27.77
C THR A 182 -1.08 -3.04 26.70
N LYS A 183 -2.28 -3.60 26.58
CA LYS A 183 -2.63 -4.44 25.46
C LYS A 183 -3.20 -3.58 24.34
N ILE A 184 -2.90 -3.97 23.11
CA ILE A 184 -3.47 -3.27 21.96
C ILE A 184 -4.03 -4.34 21.05
N ILE A 185 -5.33 -4.26 20.80
CA ILE A 185 -5.98 -5.20 19.91
C ILE A 185 -6.43 -4.43 18.68
N ILE A 186 -6.28 -5.04 17.51
CA ILE A 186 -6.55 -4.39 16.24
C ILE A 186 -7.34 -5.33 15.36
N HIS A 187 -8.55 -4.92 15.03
CA HIS A 187 -9.40 -5.63 14.10
C HIS A 187 -9.13 -4.99 12.74
N LEU A 188 -8.36 -5.69 11.91
CA LEU A 188 -7.73 -5.13 10.71
C LEU A 188 -8.75 -4.83 9.62
N LYS A 189 -8.46 -3.82 8.82
CA LYS A 189 -9.36 -3.44 7.74
C LYS A 189 -9.63 -4.65 6.86
N SER A 190 -10.71 -4.59 6.08
CA SER A 190 -10.96 -5.66 5.13
C SER A 190 -9.73 -5.92 4.25
N ASP A 191 -9.09 -4.87 3.74
CA ASP A 191 -8.07 -5.04 2.73
C ASP A 191 -6.66 -5.24 3.28
N CYS A 192 -6.44 -4.97 4.57
CA CYS A 192 -5.14 -5.15 5.19
C CYS A 192 -5.10 -6.38 6.12
N LYS A 193 -5.84 -7.44 5.77
CA LYS A 193 -5.90 -8.67 6.55
C LYS A 193 -4.64 -9.52 6.44
N GLU A 194 -3.64 -9.11 5.66
CA GLU A 194 -2.43 -9.90 5.50
C GLU A 194 -1.69 -10.04 6.83
N PHE A 195 -1.52 -8.95 7.55
CA PHE A 195 -0.89 -8.94 8.89
C PHE A 195 -1.63 -9.82 9.89
N SER A 196 -2.70 -10.50 9.48
CA SER A 196 -3.43 -11.42 10.34
C SER A 196 -2.86 -12.83 10.36
N SER A 197 -2.04 -13.19 9.36
CA SER A 197 -1.46 -14.53 9.25
C SER A 197 -0.04 -14.48 9.78
N GLU A 198 0.34 -15.54 10.50
CA GLU A 198 1.64 -15.51 11.18
C GLU A 198 2.79 -15.62 10.19
N ALA A 199 2.64 -16.44 9.15
CA ALA A 199 3.70 -16.57 8.15
C ALA A 199 4.09 -15.24 7.51
N ARG A 200 3.20 -14.25 7.54
CA ARG A 200 3.47 -12.94 6.98
C ARG A 200 4.05 -11.99 8.00
N VAL A 201 3.87 -12.25 9.29
CA VAL A 201 4.34 -11.29 10.29
C VAL A 201 5.81 -11.46 10.62
N ARG A 202 6.34 -12.68 10.57
CA ARG A 202 7.66 -12.92 11.12
C ARG A 202 8.73 -12.06 10.45
N ASP A 203 8.69 -11.98 9.12
CA ASP A 203 9.68 -11.19 8.38
C ASP A 203 9.62 -9.72 8.78
N VAL A 204 8.43 -9.20 9.00
CA VAL A 204 8.33 -7.82 9.44
C VAL A 204 9.06 -7.60 10.77
N VAL A 205 9.03 -8.59 11.66
CA VAL A 205 9.67 -8.43 12.96
C VAL A 205 11.17 -8.65 12.84
N THR A 206 11.55 -9.76 12.23
CA THR A 206 12.95 -10.01 11.95
C THR A 206 13.60 -8.83 11.25
N LYS A 207 12.87 -8.17 10.35
CA LYS A 207 13.46 -7.08 9.59
C LYS A 207 13.69 -5.85 10.46
N TYR A 208 12.65 -5.41 11.17
CA TYR A 208 12.67 -4.10 11.81
C TYR A 208 12.95 -4.16 13.30
N SER A 209 12.55 -5.23 13.99
CA SER A 209 12.57 -5.27 15.45
C SER A 209 13.49 -6.37 15.97
N ASN A 210 14.54 -6.67 15.23
CA ASN A 210 15.54 -7.65 15.63
C ASN A 210 16.45 -7.17 16.75
N PHE A 211 16.43 -5.88 17.09
CA PHE A 211 17.33 -5.35 18.10
C PHE A 211 16.62 -4.63 19.25
N VAL A 212 15.34 -4.93 19.49
CA VAL A 212 14.62 -4.24 20.56
C VAL A 212 15.10 -4.75 21.91
N SER A 213 15.29 -3.81 22.85
CA SER A 213 16.08 -4.07 24.03
C SER A 213 15.34 -4.87 25.09
N PHE A 214 14.20 -5.46 24.76
CA PHE A 214 13.44 -6.30 25.67
C PHE A 214 13.01 -7.52 24.86
N PRO A 215 12.75 -8.65 25.53
CA PRO A 215 12.30 -9.86 24.81
C PRO A 215 11.02 -9.63 24.02
N LEU A 216 10.93 -10.25 22.85
CA LEU A 216 9.82 -9.99 21.93
C LEU A 216 9.32 -11.31 21.40
N TYR A 217 8.17 -11.74 21.83
CA TYR A 217 7.64 -13.03 21.49
C TYR A 217 6.55 -12.86 20.45
N LEU A 218 6.66 -13.58 19.34
CA LEU A 218 5.55 -13.73 18.43
C LEU A 218 4.82 -15.03 18.75
N ASN A 219 3.54 -14.95 19.06
CA ASN A 219 2.75 -16.10 19.48
C ASN A 219 3.48 -16.91 20.55
N GLY A 220 4.17 -16.22 21.46
CA GLY A 220 4.96 -16.87 22.48
C GLY A 220 6.23 -17.55 22.00
N ARG A 221 6.48 -17.61 20.70
CA ARG A 221 7.77 -18.00 20.18
C ARG A 221 8.72 -16.84 20.36
N ARG A 222 9.76 -17.05 21.14
CA ARG A 222 10.76 -16.01 21.34
C ARG A 222 11.31 -15.59 19.99
N MET A 223 11.25 -14.28 19.71
CA MET A 223 11.87 -13.73 18.52
C MET A 223 13.26 -13.32 18.91
N ASN A 224 14.20 -13.53 17.99
CA ASN A 224 15.58 -13.24 18.27
C ASN A 224 15.76 -11.76 18.62
N THR A 225 16.73 -11.51 19.47
CA THR A 225 17.31 -10.18 19.64
C THR A 225 18.82 -10.34 19.64
N LEU A 226 19.46 -9.73 18.66
CA LEU A 226 20.88 -9.45 18.79
C LEU A 226 21.04 -8.16 19.60
N GLN A 227 22.22 -7.97 20.16
CA GLN A 227 22.49 -6.78 20.95
C GLN A 227 22.85 -5.64 20.00
N ALA A 228 22.10 -4.54 20.06
CA ALA A 228 22.54 -3.36 19.29
C ALA A 228 23.75 -2.73 19.97
N ILE A 229 24.93 -3.16 19.53
CA ILE A 229 26.18 -2.67 20.08
C ILE A 229 26.60 -1.33 19.51
N TRP A 230 25.96 -0.87 18.43
CA TRP A 230 26.28 0.46 17.94
C TRP A 230 25.78 1.56 18.90
N MET A 231 24.87 1.21 19.82
CA MET A 231 24.42 2.15 20.84
C MET A 231 25.49 2.37 21.91
N MET A 232 26.29 1.34 22.21
CA MET A 232 27.24 1.33 23.32
C MET A 232 28.37 2.35 23.11
N ASP A 233 29.09 2.61 24.17
CA ASP A 233 30.19 3.56 24.16
C ASP A 233 31.39 2.90 23.46
N PRO A 234 32.12 3.61 22.58
CA PRO A 234 33.16 2.94 21.79
C PRO A 234 34.15 2.16 22.62
N LYS A 235 34.44 2.60 23.84
CA LYS A 235 35.39 1.90 24.67
C LYS A 235 34.87 0.55 25.16
N ASP A 236 33.57 0.37 25.29
CA ASP A 236 33.07 -0.84 25.93
C ASP A 236 32.77 -1.97 24.96
N VAL A 237 32.98 -1.75 23.67
CA VAL A 237 32.70 -2.76 22.65
C VAL A 237 33.99 -3.54 22.43
N ARG A 238 34.02 -4.77 22.91
CA ARG A 238 35.20 -5.59 22.76
C ARG A 238 35.46 -5.86 21.28
N GLU A 239 36.65 -6.37 20.98
CA GLU A 239 36.97 -6.69 19.59
C GLU A 239 36.17 -7.88 19.11
N TRP A 240 36.00 -8.91 19.95
CA TRP A 240 35.25 -10.08 19.50
C TRP A 240 33.80 -9.74 19.18
N GLN A 241 33.25 -8.73 19.85
CA GLN A 241 31.86 -8.30 19.62
C GLN A 241 31.69 -7.64 18.26
N HIS A 242 32.61 -6.75 17.88
CA HIS A 242 32.59 -6.19 16.52
C HIS A 242 32.52 -7.30 15.47
N GLU A 243 33.37 -8.30 15.63
CA GLU A 243 33.43 -9.37 14.63
C GLU A 243 32.07 -10.04 14.48
N GLU A 244 31.50 -10.49 15.60
CA GLU A 244 30.20 -11.15 15.56
C GLU A 244 29.17 -10.30 14.83
N PHE A 245 29.28 -8.99 14.98
CA PHE A 245 28.32 -8.10 14.36
C PHE A 245 28.62 -7.87 12.88
N TYR A 246 29.89 -7.67 12.55
CA TYR A 246 30.29 -7.57 11.14
C TYR A 246 29.79 -8.78 10.36
N ARG A 247 29.99 -9.96 10.94
CA ARG A 247 29.51 -11.17 10.30
C ARG A 247 28.01 -11.11 10.06
N TYR A 248 27.26 -10.40 10.91
CA TYR A 248 25.83 -10.31 10.67
C TYR A 248 25.50 -9.29 9.58
N VAL A 249 25.83 -8.00 9.83
CA VAL A 249 25.41 -6.90 8.96
C VAL A 249 25.92 -7.04 7.54
N ALA A 250 26.99 -7.82 7.35
CA ALA A 250 27.61 -7.95 6.04
C ALA A 250 27.41 -9.32 5.42
N GLN A 251 26.86 -10.28 6.17
CA GLN A 251 26.62 -11.65 5.70
C GLN A 251 27.93 -12.37 5.29
N ALA A 252 29.02 -12.10 6.00
CA ALA A 252 30.36 -12.50 5.60
C ALA A 252 30.87 -13.68 6.45
N HIS A 253 32.11 -14.11 6.17
CA HIS A 253 32.72 -15.17 6.95
C HIS A 253 34.15 -14.85 7.39
N ASP A 254 34.59 -13.60 7.30
CA ASP A 254 35.92 -13.21 7.72
C ASP A 254 35.81 -12.09 8.76
N LYS A 255 36.96 -11.57 9.18
CA LYS A 255 37.05 -10.41 10.07
C LYS A 255 37.07 -9.09 9.29
N PRO A 256 36.89 -7.96 9.99
CA PRO A 256 36.99 -6.67 9.32
C PRO A 256 38.37 -6.09 9.42
N ARG A 257 38.92 -5.68 8.28
CA ARG A 257 40.29 -5.20 8.29
C ARG A 257 40.41 -3.90 9.06
N TYR A 258 39.34 -3.11 9.07
CA TYR A 258 39.29 -1.90 9.87
C TYR A 258 37.96 -1.83 10.61
N THR A 259 37.92 -1.02 11.66
CA THR A 259 36.72 -0.80 12.47
C THR A 259 36.58 0.67 12.80
N LEU A 260 35.39 1.23 12.62
CA LEU A 260 35.08 2.59 13.02
C LEU A 260 33.77 2.61 13.78
N HIS A 261 33.80 3.04 15.05
CA HIS A 261 32.58 3.13 15.86
C HIS A 261 32.33 4.58 16.18
N TYR A 262 31.62 5.28 15.27
CA TYR A 262 31.44 6.74 15.36
C TYR A 262 30.17 7.07 16.14
N LYS A 263 30.36 7.52 17.38
CA LYS A 263 29.31 7.97 18.28
C LYS A 263 29.56 9.45 18.56
N THR A 264 28.68 10.31 18.04
CA THR A 264 28.72 11.73 18.35
C THR A 264 27.32 12.33 18.35
N ASP A 265 27.08 13.25 19.29
CA ASP A 265 25.81 13.94 19.43
C ASP A 265 25.86 15.36 18.91
N ALA A 266 27.05 15.93 18.75
CA ALA A 266 27.19 17.34 18.40
C ALA A 266 26.38 17.68 17.14
N PRO A 267 26.69 17.15 15.90
CA PRO A 267 25.85 17.57 14.76
C PRO A 267 24.43 17.02 14.82
N LEU A 268 24.36 15.69 14.92
CA LEU A 268 23.14 14.91 14.94
C LEU A 268 23.35 13.72 15.85
N ASN A 269 22.26 13.24 16.47
CA ASN A 269 22.40 12.01 17.21
C ASN A 269 22.80 10.92 16.23
N ILE A 270 23.97 10.33 16.44
CA ILE A 270 24.42 9.17 15.68
C ILE A 270 25.04 8.16 16.62
N ARG A 271 24.67 6.90 16.43
CA ARG A 271 25.32 5.74 17.04
C ARG A 271 25.63 4.85 15.84
N SER A 272 26.84 4.94 15.29
CA SER A 272 27.23 4.23 14.07
C SER A 272 28.40 3.26 14.26
N ILE A 273 28.50 2.32 13.31
CA ILE A 273 29.61 1.36 13.23
C ILE A 273 30.02 1.15 11.78
N PHE A 274 31.31 1.22 11.48
CA PHE A 274 31.79 0.95 10.15
C PHE A 274 32.87 -0.11 10.16
N TYR A 275 32.82 -0.97 9.14
CA TYR A 275 33.75 -2.07 8.96
C TYR A 275 34.21 -2.09 7.52
N VAL A 276 35.49 -2.28 7.28
CA VAL A 276 35.96 -2.50 5.92
C VAL A 276 36.36 -3.97 5.83
N PRO A 277 35.88 -4.71 4.84
CA PRO A 277 36.22 -6.14 4.76
C PRO A 277 37.70 -6.33 4.49
N ASP A 278 38.21 -7.45 4.98
CA ASP A 278 39.64 -7.70 4.97
C ASP A 278 40.16 -7.95 3.55
N MET A 279 39.84 -9.09 2.95
CA MET A 279 40.49 -9.51 1.70
C MET A 279 40.25 -8.57 0.52
N LYS A 280 40.77 -8.95 -0.65
CA LYS A 280 40.57 -8.15 -1.84
C LYS A 280 39.10 -8.20 -2.26
N PRO A 281 38.52 -7.06 -2.66
CA PRO A 281 37.12 -7.04 -3.11
C PRO A 281 37.01 -7.55 -4.54
N SER A 282 36.04 -8.43 -4.77
CA SER A 282 35.80 -8.97 -6.10
C SER A 282 34.35 -9.41 -6.18
N MET A 283 33.71 -9.18 -7.31
CA MET A 283 32.27 -9.45 -7.45
C MET A 283 32.02 -10.76 -8.22
N SER A 292 25.36 1.87 -1.63
CA SER A 292 25.87 1.55 -0.29
C SER A 292 25.07 0.40 0.29
N SER A 293 25.54 -0.17 1.41
CA SER A 293 24.78 -1.25 2.04
C SER A 293 24.85 -1.18 3.56
N VAL A 294 25.24 -0.04 4.11
CA VAL A 294 25.09 0.20 5.54
C VAL A 294 23.61 0.26 5.88
N ALA A 295 23.20 -0.46 6.92
CA ALA A 295 21.79 -0.42 7.28
C ALA A 295 21.45 0.92 7.91
N LEU A 296 20.16 1.20 8.03
CA LEU A 296 19.73 2.47 8.61
C LEU A 296 18.74 2.27 9.74
N TYR A 297 19.12 2.69 10.92
CA TYR A 297 18.35 2.44 12.12
C TYR A 297 18.03 3.75 12.82
N SER A 298 16.91 3.70 13.57
CA SER A 298 16.53 4.75 14.51
C SER A 298 16.11 4.08 15.81
N ARG A 299 16.83 4.40 16.89
CA ARG A 299 16.62 3.87 18.23
C ARG A 299 16.35 2.37 18.23
N LYS A 300 17.17 1.62 17.49
CA LYS A 300 17.26 0.15 17.44
C LYS A 300 16.23 -0.54 16.52
N VAL A 301 15.36 0.20 15.82
CA VAL A 301 14.40 -0.41 14.92
C VAL A 301 14.63 0.11 13.50
N LEU A 302 14.55 -0.80 12.55
CA LEU A 302 15.11 -0.56 11.23
C LEU A 302 14.22 0.40 10.47
N ILE A 303 14.85 1.30 9.74
CA ILE A 303 14.13 2.15 8.80
C ILE A 303 14.35 1.62 7.40
N GLN A 304 15.61 1.60 6.97
CA GLN A 304 15.96 1.09 5.66
C GLN A 304 17.20 0.21 5.79
N THR A 305 17.14 -0.96 5.15
CA THR A 305 18.13 -2.03 5.31
C THR A 305 19.31 -1.91 4.35
N LYS A 306 19.10 -1.37 3.16
CA LYS A 306 20.17 -1.16 2.20
C LYS A 306 20.23 0.31 1.85
N ALA A 307 20.62 1.14 2.81
CA ALA A 307 20.40 2.58 2.68
C ALA A 307 21.10 3.19 1.46
N THR A 308 20.33 3.53 0.45
CA THR A 308 20.92 4.05 -0.77
C THR A 308 21.17 5.55 -0.56
N ASP A 309 22.36 5.99 -0.95
CA ASP A 309 22.77 7.39 -0.78
C ASP A 309 22.61 7.86 0.68
N ILE A 310 22.93 6.96 1.62
CA ILE A 310 23.19 7.39 2.98
C ILE A 310 24.65 7.79 3.10
N LEU A 311 25.50 7.09 2.38
CA LEU A 311 26.90 7.34 2.16
C LEU A 311 27.14 7.73 0.72
N PRO A 312 28.29 8.23 0.39
CA PRO A 312 28.58 8.54 -1.01
C PRO A 312 28.53 7.33 -1.90
N LYS A 313 28.79 7.53 -3.19
CA LYS A 313 28.80 6.42 -4.11
C LYS A 313 30.12 5.66 -4.03
N TRP A 314 31.22 6.38 -3.94
CA TRP A 314 32.50 5.72 -3.80
C TRP A 314 32.71 5.12 -2.42
N LEU A 315 31.76 5.21 -1.49
CA LEU A 315 31.89 4.49 -0.23
C LEU A 315 30.99 3.27 -0.15
N ARG A 316 30.44 2.84 -1.28
CA ARG A 316 29.49 1.74 -1.29
C ARG A 316 30.08 0.41 -0.79
N PHE A 317 31.38 0.35 -0.54
CA PHE A 317 32.04 -0.84 0.01
C PHE A 317 32.00 -0.92 1.52
N ILE A 318 31.36 0.03 2.21
CA ILE A 318 31.22 -0.02 3.66
C ILE A 318 29.94 -0.77 3.98
N ARG A 319 30.03 -1.73 4.87
CA ARG A 319 28.89 -2.24 5.61
C ARG A 319 29.03 -1.84 7.08
N GLY A 320 28.11 -2.32 7.90
CA GLY A 320 27.99 -1.77 9.23
C GLY A 320 26.64 -1.07 9.34
N VAL A 321 26.50 -0.03 10.16
CA VAL A 321 25.15 0.48 10.40
C VAL A 321 25.23 1.91 10.91
N VAL A 322 24.36 2.75 10.36
CA VAL A 322 24.15 4.09 10.89
C VAL A 322 22.81 4.12 11.61
N ASP A 323 22.82 4.64 12.85
CA ASP A 323 21.61 4.82 13.64
C ASP A 323 21.45 6.25 14.14
N SER A 324 20.25 6.80 14.01
CA SER A 324 20.02 8.14 14.53
C SER A 324 18.68 8.24 15.27
N GLU A 325 18.48 9.37 15.96
CA GLU A 325 17.23 9.66 16.66
C GLU A 325 16.56 10.85 16.00
N ASP A 326 16.60 10.92 14.67
CA ASP A 326 15.98 11.98 13.92
C ASP A 326 15.03 11.43 12.85
N ILE A 327 14.36 10.31 13.14
CA ILE A 327 13.44 9.55 12.25
C ILE A 327 14.24 8.65 11.29
N ALA A 340 16.55 14.68 2.40
CA ALA A 340 16.64 16.15 2.39
C ALA A 340 17.42 16.62 3.62
N LEU A 341 17.21 15.88 4.71
CA LEU A 341 18.17 15.89 5.82
C LEU A 341 19.39 15.07 5.47
N ILE A 342 19.22 14.03 4.65
CA ILE A 342 20.31 13.11 4.41
C ILE A 342 21.43 13.81 3.69
N ARG A 343 21.11 14.82 2.90
CA ARG A 343 22.18 15.50 2.18
C ARG A 343 23.08 16.26 3.14
N LYS A 344 22.67 16.40 4.40
CA LYS A 344 23.53 16.84 5.48
C LYS A 344 24.19 15.66 6.20
N LEU A 345 23.48 14.54 6.36
CA LEU A 345 24.06 13.40 7.08
C LEU A 345 25.12 12.68 6.25
N ARG A 346 24.86 12.50 4.94
CA ARG A 346 25.79 11.84 4.04
C ARG A 346 27.10 12.61 3.96
N ASP A 347 27.03 13.95 3.92
CA ASP A 347 28.25 14.73 3.80
C ASP A 347 29.09 14.64 5.07
N VAL A 348 28.44 14.68 6.25
CA VAL A 348 29.16 14.69 7.52
C VAL A 348 29.77 13.33 7.85
N LEU A 349 29.08 12.24 7.50
CA LEU A 349 29.69 10.91 7.63
C LEU A 349 30.85 10.73 6.67
N GLN A 350 30.71 11.27 5.45
CA GLN A 350 31.80 11.25 4.50
C GLN A 350 33.08 11.77 5.16
N GLN A 351 32.96 12.88 5.88
CA GLN A 351 34.15 13.45 6.48
C GLN A 351 34.75 12.54 7.53
N ARG A 352 33.92 11.97 8.40
CA ARG A 352 34.47 11.13 9.46
C ARG A 352 35.19 9.94 8.87
N LEU A 353 34.69 9.40 7.76
CA LEU A 353 35.36 8.25 7.19
C LEU A 353 36.72 8.66 6.64
N ILE A 354 36.74 9.71 5.81
CA ILE A 354 38.00 10.18 5.24
C ILE A 354 39.01 10.46 6.35
N LYS A 355 38.57 11.11 7.41
CA LYS A 355 39.40 11.26 8.59
C LYS A 355 40.01 9.93 8.97
N PHE A 356 39.15 8.94 9.17
CA PHE A 356 39.56 7.68 9.76
C PHE A 356 40.63 7.00 8.93
N PHE A 357 40.60 7.20 7.62
CA PHE A 357 41.59 6.59 6.75
C PHE A 357 42.86 7.42 6.71
N ILE A 358 42.75 8.74 6.45
CA ILE A 358 43.94 9.57 6.56
C ILE A 358 44.67 9.30 7.86
N ASP A 359 43.94 9.00 8.92
CA ASP A 359 44.55 8.71 10.20
C ASP A 359 44.76 7.21 10.43
N GLN A 360 44.30 6.33 9.54
CA GLN A 360 44.85 4.97 9.58
C GLN A 360 46.22 4.96 8.94
N SER A 361 46.30 5.44 7.69
CA SER A 361 47.57 5.60 6.99
C SER A 361 48.60 6.36 7.81
N LYS A 362 48.20 7.08 8.86
CA LYS A 362 49.21 7.59 9.78
C LYS A 362 49.60 6.52 10.80
N LYS A 363 48.64 5.70 11.25
CA LYS A 363 48.89 4.71 12.30
C LYS A 363 49.83 3.60 11.83
N ASP A 364 49.59 3.09 10.61
CA ASP A 364 50.08 1.77 10.18
C ASP A 364 50.08 1.76 8.66
N ALA A 365 51.15 2.31 8.07
CA ALA A 365 51.22 2.51 6.62
C ALA A 365 51.18 1.20 5.82
N GLU A 366 51.36 0.05 6.48
CA GLU A 366 51.39 -1.24 5.80
C GLU A 366 49.98 -1.79 5.63
N LYS A 367 49.19 -1.82 6.71
CA LYS A 367 47.78 -2.16 6.55
C LYS A 367 47.13 -1.24 5.54
N TYR A 368 47.43 0.06 5.62
CA TYR A 368 46.80 0.98 4.69
C TYR A 368 47.16 0.62 3.26
N ALA A 369 48.44 0.38 3.01
CA ALA A 369 48.85 0.07 1.65
C ALA A 369 48.13 -1.18 1.13
N LYS A 370 48.06 -2.23 1.95
CA LYS A 370 47.30 -3.41 1.55
C LYS A 370 45.91 -3.02 1.12
N PHE A 371 45.27 -2.16 1.92
CA PHE A 371 43.91 -1.69 1.64
C PHE A 371 43.86 -0.80 0.40
N PHE A 372 44.86 0.05 0.18
CA PHE A 372 44.78 0.93 -0.97
C PHE A 372 45.04 0.20 -2.27
N GLU A 373 45.67 -0.95 -2.25
CA GLU A 373 45.67 -1.67 -3.50
C GLU A 373 44.34 -2.37 -3.71
N ASP A 374 43.78 -2.92 -2.63
CA ASP A 374 42.50 -3.62 -2.73
C ASP A 374 41.38 -2.68 -3.11
N TYR A 375 41.35 -1.47 -2.55
CA TYR A 375 40.20 -0.61 -2.73
C TYR A 375 40.49 0.72 -3.40
N GLY A 376 41.68 0.94 -3.90
CA GLY A 376 41.93 2.20 -4.57
C GLY A 376 40.97 2.54 -5.70
N LEU A 377 40.28 1.57 -6.30
CA LEU A 377 39.35 1.87 -7.39
C LEU A 377 38.24 2.82 -6.94
N PHE A 378 37.58 2.50 -5.82
CA PHE A 378 36.50 3.37 -5.38
C PHE A 378 37.01 4.77 -5.15
N MET A 379 38.15 4.88 -4.47
CA MET A 379 38.75 6.17 -4.25
C MET A 379 38.94 6.96 -5.53
N ARG A 380 39.08 6.27 -6.64
CA ARG A 380 39.19 7.01 -7.89
C ARG A 380 37.83 7.48 -8.36
N GLU A 381 36.84 6.58 -8.36
CA GLU A 381 35.49 6.99 -8.71
C GLU A 381 35.03 8.13 -7.81
N GLY A 382 35.38 8.08 -6.54
CA GLY A 382 35.13 9.19 -5.65
C GLY A 382 35.52 10.53 -6.24
N ILE A 383 36.70 10.61 -6.83
CA ILE A 383 37.14 11.91 -7.33
C ILE A 383 36.71 12.22 -8.75
N VAL A 384 36.40 11.20 -9.54
CA VAL A 384 35.86 11.49 -10.86
C VAL A 384 34.39 11.86 -10.76
N THR A 385 33.64 11.21 -9.88
CA THR A 385 32.19 11.41 -9.77
C THR A 385 31.79 12.43 -8.73
N ALA A 386 32.63 12.75 -7.74
CA ALA A 386 32.37 13.91 -6.92
C ALA A 386 32.47 15.15 -7.80
N THR A 387 31.67 16.17 -7.48
CA THR A 387 31.65 17.39 -8.29
C THR A 387 32.29 18.60 -7.63
N GLU A 388 32.29 18.67 -6.31
CA GLU A 388 32.75 19.84 -5.57
C GLU A 388 34.21 19.65 -5.15
N GLN A 389 35.08 20.55 -5.65
CA GLN A 389 36.52 20.31 -5.67
C GLN A 389 37.11 20.00 -4.31
N GLU A 390 36.62 20.65 -3.25
CA GLU A 390 37.19 20.36 -1.95
C GLU A 390 36.92 18.93 -1.50
N VAL A 391 35.82 18.31 -1.94
CA VAL A 391 35.60 16.91 -1.61
C VAL A 391 36.55 16.02 -2.37
N LYS A 392 36.65 16.22 -3.68
CA LYS A 392 37.67 15.52 -4.46
C LYS A 392 39.04 15.71 -3.82
N GLU A 393 39.37 16.95 -3.50
CA GLU A 393 40.64 17.28 -2.85
C GLU A 393 40.86 16.44 -1.59
N ASP A 394 39.86 16.38 -0.74
CA ASP A 394 40.01 15.67 0.52
C ASP A 394 40.10 14.16 0.34
N ILE A 395 39.59 13.61 -0.77
CA ILE A 395 39.78 12.19 -1.09
C ILE A 395 41.19 11.91 -1.62
N ALA A 396 41.74 12.83 -2.41
CA ALA A 396 43.09 12.65 -2.96
C ALA A 396 44.11 12.48 -1.85
N LYS A 397 43.86 13.05 -0.69
CA LYS A 397 44.73 12.88 0.46
C LYS A 397 44.77 11.43 0.92
N LEU A 398 44.05 10.54 0.23
CA LEU A 398 44.12 9.10 0.48
C LEU A 398 44.91 8.35 -0.59
N LEU A 399 45.04 8.93 -1.79
CA LEU A 399 45.84 8.36 -2.87
C LEU A 399 47.31 8.26 -2.52
N ARG A 400 47.89 7.11 -2.85
CA ARG A 400 49.32 6.82 -2.76
C ARG A 400 49.81 6.42 -4.13
N TYR A 401 51.01 6.85 -4.48
CA TYR A 401 51.54 6.63 -5.81
C TYR A 401 53.04 6.33 -5.77
N GLU A 402 53.51 5.60 -6.78
CA GLU A 402 54.93 5.33 -6.89
C GLU A 402 55.62 6.53 -7.53
N SER A 403 56.89 6.74 -7.18
CA SER A 403 57.58 7.91 -7.71
C SER A 403 59.10 7.74 -7.66
N SER A 404 59.79 8.71 -8.24
CA SER A 404 61.25 8.71 -8.36
C SER A 404 61.98 8.70 -7.03
N ALA A 405 61.30 8.92 -5.92
CA ALA A 405 61.99 9.15 -4.65
C ALA A 405 62.47 7.88 -3.96
N LEU A 406 61.99 6.72 -4.36
CA LEU A 406 62.39 5.44 -3.77
C LEU A 406 62.14 4.35 -4.81
N PRO A 407 62.70 3.16 -4.63
CA PRO A 407 62.45 2.14 -5.67
C PRO A 407 61.05 1.56 -5.60
N SER A 408 60.74 0.62 -6.49
CA SER A 408 59.43 -0.03 -6.50
C SER A 408 59.07 -0.48 -5.09
N GLY A 409 57.90 -0.04 -4.62
CA GLY A 409 57.49 -0.24 -3.24
C GLY A 409 57.40 1.06 -2.46
N GLN A 410 57.66 2.19 -3.10
CA GLN A 410 57.50 3.51 -2.51
C GLN A 410 56.10 4.02 -2.81
N LEU A 411 55.24 4.08 -1.80
CA LEU A 411 54.00 4.82 -1.95
C LEU A 411 54.24 6.20 -1.35
N THR A 412 54.37 7.19 -2.24
CA THR A 412 54.36 8.58 -1.82
C THR A 412 52.93 9.08 -1.91
N SER A 413 52.55 9.95 -0.99
CA SER A 413 51.27 10.60 -1.17
C SER A 413 51.55 11.98 -1.72
N LEU A 414 50.69 12.40 -2.64
CA LEU A 414 50.80 13.68 -3.30
C LEU A 414 50.98 14.75 -2.26
N SER A 415 50.28 14.59 -1.14
CA SER A 415 50.39 15.57 -0.07
C SER A 415 51.87 15.84 0.24
N GLU A 416 52.70 14.79 0.32
CA GLU A 416 54.13 14.89 0.60
C GLU A 416 54.97 15.36 -0.57
N TYR A 417 54.47 15.27 -1.81
CA TYR A 417 55.17 15.84 -2.96
C TYR A 417 55.44 17.36 -2.77
N ALA A 418 54.95 17.95 -1.68
CA ALA A 418 55.27 19.34 -1.33
C ALA A 418 56.69 19.42 -0.79
N SER A 419 57.64 19.15 -1.69
CA SER A 419 59.05 19.41 -1.45
C SER A 419 59.61 20.48 -2.37
N ARG A 420 58.97 20.71 -3.52
CA ARG A 420 59.59 21.34 -4.71
C ARG A 420 60.21 22.74 -4.61
N ILE A 428 53.14 19.52 -10.16
CA ILE A 428 53.12 18.06 -10.10
C ILE A 428 53.11 17.48 -11.50
N TYR A 429 53.96 16.51 -11.76
CA TYR A 429 53.96 15.86 -13.05
C TYR A 429 53.75 14.37 -12.86
N TYR A 430 53.08 13.76 -13.83
CA TYR A 430 52.68 12.37 -13.73
C TYR A 430 52.72 11.74 -15.10
N LEU A 431 52.93 10.43 -15.14
CA LEU A 431 53.18 9.74 -16.39
C LEU A 431 52.18 8.60 -16.58
N CYS A 432 52.40 7.86 -17.68
CA CYS A 432 51.54 6.77 -18.12
C CYS A 432 51.92 5.51 -17.34
N ALA A 433 51.31 4.41 -17.74
CA ALA A 433 51.28 3.16 -16.98
C ALA A 433 51.77 1.98 -17.82
N PRO A 434 51.77 0.76 -17.24
CA PRO A 434 51.65 0.28 -15.85
C PRO A 434 52.92 -0.18 -15.09
N ASN A 435 54.12 -0.25 -15.68
CA ASN A 435 55.28 -0.80 -14.99
C ASN A 435 56.40 0.22 -14.82
N ARG A 436 57.20 0.04 -13.77
CA ARG A 436 58.30 0.95 -13.48
C ARG A 436 59.37 0.93 -14.57
N HIS A 437 59.33 -0.05 -15.47
CA HIS A 437 60.32 -0.10 -16.53
C HIS A 437 59.95 0.83 -17.69
N LEU A 438 58.71 0.74 -18.19
CA LEU A 438 58.27 1.67 -19.23
C LEU A 438 58.21 3.10 -18.71
N ALA A 439 58.18 3.28 -17.39
CA ALA A 439 58.29 4.61 -16.79
C ALA A 439 59.74 5.06 -16.70
N GLU A 440 60.62 4.19 -16.17
CA GLU A 440 62.02 4.53 -15.97
C GLU A 440 62.79 4.72 -17.28
N HIS A 441 62.18 4.40 -18.44
CA HIS A 441 62.77 4.81 -19.73
C HIS A 441 61.65 5.24 -20.69
N SER A 442 61.20 6.47 -20.53
CA SER A 442 60.20 7.11 -21.39
C SER A 442 60.81 8.42 -21.85
N PRO A 443 60.87 8.69 -23.15
CA PRO A 443 61.51 9.93 -23.62
C PRO A 443 60.90 11.17 -22.97
N TYR A 444 59.66 11.04 -22.49
CA TYR A 444 59.02 12.12 -21.74
C TYR A 444 59.45 12.09 -20.28
N TYR A 445 59.56 10.88 -19.71
CA TYR A 445 60.14 10.78 -18.37
C TYR A 445 61.57 11.29 -18.36
N GLU A 446 62.46 10.61 -19.10
CA GLU A 446 63.88 10.97 -19.08
C GLU A 446 64.10 12.43 -19.43
N ALA A 447 63.17 13.05 -20.17
CA ALA A 447 63.19 14.50 -20.35
C ALA A 447 63.10 15.23 -19.02
N MET A 448 62.43 14.63 -18.03
CA MET A 448 62.33 15.22 -16.72
C MET A 448 63.37 14.65 -15.77
N LYS A 449 64.03 13.57 -16.19
CA LYS A 449 65.16 13.03 -15.43
C LYS A 449 66.41 13.85 -15.70
N LYS A 450 66.63 14.27 -16.95
CA LYS A 450 67.59 15.36 -17.18
C LYS A 450 67.10 16.70 -16.63
N LYS A 451 65.79 16.90 -16.49
CA LYS A 451 65.27 18.11 -15.90
C LYS A 451 65.24 17.98 -14.37
N ASP A 452 64.99 19.11 -13.70
CA ASP A 452 65.05 19.17 -12.24
C ASP A 452 63.98 18.32 -11.56
N THR A 453 62.72 18.61 -11.86
CA THR A 453 61.58 18.13 -11.06
C THR A 453 61.49 16.61 -10.97
N GLU A 454 60.92 16.18 -9.82
CA GLU A 454 60.53 14.80 -9.59
C GLU A 454 59.16 14.55 -10.21
N VAL A 455 59.04 13.47 -10.95
CA VAL A 455 57.77 13.10 -11.51
C VAL A 455 57.12 12.07 -10.60
N LEU A 456 55.82 11.91 -10.78
CA LEU A 456 55.00 10.94 -10.07
C LEU A 456 54.54 9.92 -11.08
N PHE A 457 54.65 8.66 -10.72
CA PHE A 457 54.48 7.55 -11.64
C PHE A 457 53.15 6.87 -11.31
N CYS A 458 52.19 6.91 -12.24
CA CYS A 458 50.86 6.49 -11.88
C CYS A 458 50.74 4.96 -11.83
N PHE A 459 51.16 4.31 -12.91
CA PHE A 459 51.18 2.86 -13.07
C PHE A 459 49.80 2.22 -13.07
N GLU A 460 48.77 3.02 -13.06
CA GLU A 460 47.41 2.52 -13.11
C GLU A 460 46.76 3.24 -14.28
N GLN A 461 45.81 2.59 -14.95
CA GLN A 461 45.21 3.26 -16.09
C GLN A 461 44.08 4.22 -15.68
N PHE A 462 43.16 3.80 -14.81
CA PHE A 462 42.11 4.73 -14.46
C PHE A 462 42.67 5.88 -13.63
N ASP A 463 43.91 5.76 -13.15
CA ASP A 463 44.56 6.89 -12.50
C ASP A 463 44.56 8.12 -13.39
N GLU A 464 44.70 7.96 -14.71
CA GLU A 464 44.73 9.14 -15.58
C GLU A 464 43.43 9.94 -15.43
N LEU A 465 42.30 9.26 -15.61
CA LEU A 465 41.02 9.96 -15.53
C LEU A 465 40.77 10.53 -14.14
N THR A 466 41.12 9.78 -13.08
CA THR A 466 41.07 10.33 -11.74
C THR A 466 41.89 11.61 -11.62
N LEU A 467 43.17 11.55 -12.00
CA LEU A 467 44.04 12.71 -11.85
C LEU A 467 43.78 13.79 -12.87
N LEU A 468 43.02 13.51 -13.93
CA LEU A 468 42.52 14.59 -14.77
C LEU A 468 41.21 15.18 -14.22
N HIS A 469 40.23 14.34 -13.86
CA HIS A 469 39.03 14.86 -13.19
C HIS A 469 39.36 15.51 -11.86
N LEU A 470 40.28 14.94 -11.10
CA LEU A 470 40.84 15.76 -10.04
C LEU A 470 41.74 16.76 -10.70
N ARG A 471 41.18 17.90 -11.07
CA ARG A 471 41.90 18.74 -11.99
C ARG A 471 43.08 19.40 -11.31
N GLU A 472 43.07 19.42 -9.98
CA GLU A 472 44.21 19.95 -9.25
C GLU A 472 44.20 19.38 -7.84
N PHE A 473 45.25 19.71 -7.11
CA PHE A 473 45.38 19.33 -5.70
C PHE A 473 46.07 20.49 -4.99
N ASP A 474 45.42 21.06 -3.98
CA ASP A 474 46.03 22.14 -3.18
C ASP A 474 46.52 23.29 -4.06
N LYS A 475 45.73 23.63 -5.08
CA LYS A 475 46.06 24.65 -6.07
C LYS A 475 47.37 24.35 -6.79
N LYS A 476 47.66 23.08 -7.02
CA LYS A 476 48.88 22.63 -7.65
C LYS A 476 48.43 22.23 -9.07
N LYS A 477 49.35 22.38 -10.02
CA LYS A 477 49.07 22.04 -11.41
C LYS A 477 48.55 20.62 -11.61
N LEU A 478 49.10 19.70 -10.81
CA LEU A 478 48.68 18.30 -10.85
C LEU A 478 49.17 17.57 -12.11
N PRO B 1 -26.85 -35.48 -7.16
CA PRO B 1 -26.40 -35.15 -8.52
C PRO B 1 -25.07 -34.39 -8.50
N LEU B 2 -23.99 -35.08 -8.84
CA LEU B 2 -22.64 -34.52 -8.89
C LEU B 2 -22.22 -34.20 -10.32
N HIS B 3 -21.48 -33.10 -10.47
CA HIS B 3 -20.94 -32.76 -11.78
C HIS B 3 -19.61 -32.04 -11.62
N SER B 4 -18.53 -32.78 -11.81
CA SER B 4 -17.21 -32.18 -11.87
C SER B 4 -16.45 -32.92 -12.93
N ILE B 5 -15.56 -32.18 -13.59
CA ILE B 5 -14.81 -32.64 -14.74
C ILE B 5 -13.32 -32.56 -14.50
N ILE B 6 -12.92 -32.17 -13.30
CA ILE B 6 -11.53 -31.94 -12.95
C ILE B 6 -10.97 -33.26 -12.43
N SER B 7 -10.07 -33.85 -13.20
CA SER B 7 -9.27 -34.98 -12.74
C SER B 7 -8.00 -34.99 -13.57
N SER B 8 -7.00 -35.73 -13.10
CA SER B 8 -5.73 -35.84 -13.82
C SER B 8 -5.87 -36.83 -14.97
N THR B 9 -5.88 -36.33 -16.20
CA THR B 9 -5.82 -37.19 -17.37
C THR B 9 -4.48 -37.07 -18.07
N GLU B 10 -3.55 -36.33 -17.51
CA GLU B 10 -2.39 -35.88 -18.25
C GLU B 10 -1.15 -36.63 -17.83
N SER B 11 -0.21 -36.71 -18.76
CA SER B 11 1.11 -37.28 -18.49
C SER B 11 2.08 -36.75 -19.53
N VAL B 12 3.32 -36.56 -19.13
CA VAL B 12 4.36 -36.13 -20.05
C VAL B 12 5.30 -37.31 -20.25
N GLN B 13 5.20 -37.94 -21.43
CA GLN B 13 6.11 -39.01 -21.77
C GLN B 13 7.54 -38.47 -21.87
N GLY B 14 7.71 -37.38 -22.62
CA GLY B 14 9.00 -36.79 -22.93
C GLY B 14 9.68 -36.08 -21.78
N SER B 15 10.47 -35.07 -22.11
CA SER B 15 11.08 -34.25 -21.09
C SER B 15 10.92 -32.79 -21.47
N THR B 16 10.70 -31.94 -20.46
CA THR B 16 10.32 -30.56 -20.70
C THR B 16 11.44 -29.80 -21.42
N SER B 17 11.12 -28.57 -21.82
CA SER B 17 12.05 -27.66 -22.47
C SER B 17 12.01 -26.32 -21.76
N LYS B 18 13.02 -26.07 -20.93
CA LYS B 18 13.07 -24.88 -20.07
C LYS B 18 13.27 -23.61 -20.89
N HIS B 19 12.68 -22.50 -20.43
CA HIS B 19 12.96 -21.21 -21.02
C HIS B 19 13.09 -20.19 -19.89
N GLU B 20 13.55 -18.99 -20.24
CA GLU B 20 13.60 -17.84 -19.33
C GLU B 20 12.55 -16.82 -19.76
N PHE B 21 11.97 -16.15 -18.77
CA PHE B 21 11.14 -14.96 -19.02
C PHE B 21 11.98 -13.76 -19.43
N GLN B 22 11.38 -12.92 -20.27
CA GLN B 22 11.95 -11.69 -20.78
C GLN B 22 12.15 -10.67 -19.65
N ALA B 23 12.83 -9.56 -20.00
CA ALA B 23 13.32 -8.61 -18.99
C ALA B 23 12.21 -7.98 -18.14
N GLU B 24 11.11 -7.55 -18.75
CA GLU B 24 10.07 -6.91 -17.94
C GLU B 24 9.30 -7.92 -17.10
N THR B 25 8.91 -9.05 -17.69
CA THR B 25 8.22 -10.08 -16.91
C THR B 25 9.07 -10.48 -15.71
N LYS B 26 10.39 -10.35 -15.85
CA LYS B 26 11.31 -10.74 -14.78
C LYS B 26 11.16 -9.83 -13.59
N LYS B 27 11.37 -8.52 -13.79
CA LYS B 27 11.19 -7.56 -12.70
C LYS B 27 9.76 -7.56 -12.19
N LEU B 28 8.77 -7.58 -13.09
CA LEU B 28 7.37 -7.60 -12.65
C LEU B 28 7.06 -8.87 -11.87
N LEU B 29 7.75 -9.97 -12.16
CA LEU B 29 7.72 -11.15 -11.30
C LEU B 29 8.58 -10.99 -10.05
N ASP B 30 9.10 -9.79 -9.81
CA ASP B 30 9.80 -9.46 -8.58
C ASP B 30 9.12 -8.34 -7.79
N ILE B 31 8.46 -7.37 -8.46
CA ILE B 31 7.51 -6.52 -7.75
C ILE B 31 6.46 -7.40 -7.09
N VAL B 32 6.23 -8.59 -7.64
CA VAL B 32 5.34 -9.57 -7.02
C VAL B 32 5.95 -10.12 -5.74
N ALA B 33 7.28 -10.13 -5.65
CA ALA B 33 7.98 -10.62 -4.46
C ALA B 33 8.16 -9.53 -3.40
N LYS B 40 -5.81 -10.69 -2.14
CA LYS B 40 -5.27 -12.06 -2.09
C LYS B 40 -6.20 -13.08 -2.72
N GLU B 41 -7.50 -12.78 -2.71
CA GLU B 41 -8.45 -13.65 -3.38
C GLU B 41 -8.63 -13.26 -4.83
N VAL B 42 -8.20 -12.04 -5.19
CA VAL B 42 -8.35 -11.44 -6.52
C VAL B 42 -8.06 -12.43 -7.62
N PHE B 43 -7.05 -13.27 -7.41
CA PHE B 43 -6.61 -14.14 -8.50
C PHE B 43 -7.73 -15.05 -8.98
N ILE B 44 -8.69 -15.39 -8.12
CA ILE B 44 -9.72 -16.32 -8.56
C ILE B 44 -10.65 -15.63 -9.58
N ARG B 45 -11.10 -14.40 -9.26
CA ARG B 45 -11.89 -13.66 -10.26
C ARG B 45 -11.05 -13.43 -11.52
N GLU B 46 -9.76 -13.15 -11.33
CA GLU B 46 -8.85 -13.08 -12.45
C GLU B 46 -8.97 -14.34 -13.31
N LEU B 47 -8.85 -15.50 -12.68
CA LEU B 47 -8.87 -16.71 -13.48
C LEU B 47 -10.24 -16.96 -14.07
N ILE B 48 -11.28 -16.69 -13.27
CA ILE B 48 -12.63 -16.98 -13.74
C ILE B 48 -12.95 -16.11 -14.94
N SER B 49 -12.41 -14.90 -14.97
CA SER B 49 -12.53 -14.06 -16.15
C SER B 49 -11.98 -14.76 -17.38
N ASN B 50 -10.68 -15.05 -17.37
CA ASN B 50 -10.07 -15.63 -18.55
C ASN B 50 -10.84 -16.88 -18.98
N ALA B 51 -11.28 -17.69 -18.01
CA ALA B 51 -12.06 -18.88 -18.37
C ALA B 51 -13.28 -18.51 -19.19
N SER B 52 -13.91 -17.38 -18.88
CA SER B 52 -15.02 -16.93 -19.71
C SER B 52 -14.51 -16.43 -21.05
N ASP B 53 -13.62 -15.45 -21.00
CA ASP B 53 -13.07 -14.83 -22.21
C ASP B 53 -12.73 -15.89 -23.23
N ALA B 54 -11.96 -16.89 -22.79
CA ALA B 54 -11.66 -18.08 -23.58
C ALA B 54 -12.94 -18.70 -24.13
N LEU B 55 -13.95 -18.81 -23.27
CA LEU B 55 -15.15 -19.49 -23.68
C LEU B 55 -15.94 -18.64 -24.67
N GLU B 56 -15.91 -17.33 -24.51
CA GLU B 56 -16.64 -16.53 -25.48
C GLU B 56 -16.00 -16.68 -26.84
N LYS B 57 -14.68 -16.46 -26.94
CA LYS B 57 -13.98 -16.58 -28.22
C LYS B 57 -14.22 -17.94 -28.87
N LEU B 58 -14.41 -18.99 -28.07
CA LEU B 58 -14.80 -20.26 -28.64
C LEU B 58 -16.22 -20.22 -29.18
N ARG B 59 -17.19 -19.87 -28.33
CA ARG B 59 -18.59 -19.84 -28.76
C ARG B 59 -18.78 -18.93 -29.96
N HIS B 60 -18.09 -17.78 -29.96
CA HIS B 60 -18.26 -16.82 -31.04
C HIS B 60 -17.83 -17.40 -32.37
N LYS B 61 -17.04 -18.46 -32.33
CA LYS B 61 -16.51 -19.00 -33.55
C LYS B 61 -17.19 -20.29 -33.97
N LEU B 62 -17.76 -21.06 -33.04
CA LEU B 62 -18.59 -22.16 -33.49
C LEU B 62 -19.89 -21.65 -34.08
N VAL B 63 -20.53 -20.67 -33.43
CA VAL B 63 -21.83 -20.21 -33.90
C VAL B 63 -21.70 -19.44 -35.21
N SER B 64 -20.70 -18.54 -35.32
CA SER B 64 -20.45 -17.84 -36.57
C SER B 64 -20.39 -18.81 -37.74
N ASP B 65 -19.76 -19.97 -37.52
CA ASP B 65 -19.72 -21.06 -38.48
C ASP B 65 -20.82 -22.06 -38.16
N GLY B 66 -20.82 -23.19 -38.87
CA GLY B 66 -21.95 -24.08 -38.72
C GLY B 66 -22.02 -24.84 -37.41
N GLN B 67 -21.13 -24.57 -36.47
CA GLN B 67 -20.76 -25.58 -35.49
C GLN B 67 -21.68 -25.57 -34.27
N ALA B 68 -22.33 -26.70 -34.02
CA ALA B 68 -23.04 -26.88 -32.76
C ALA B 68 -22.08 -27.08 -31.59
N LEU B 69 -22.39 -26.47 -30.47
CA LEU B 69 -21.47 -26.26 -29.36
C LEU B 69 -21.16 -27.51 -28.53
N PRO B 70 -20.03 -27.48 -27.79
CA PRO B 70 -19.73 -28.53 -26.81
C PRO B 70 -20.38 -28.29 -25.47
N GLU B 71 -19.97 -29.07 -24.48
CA GLU B 71 -20.12 -28.64 -23.10
C GLU B 71 -19.29 -27.37 -22.94
N MET B 72 -19.86 -26.34 -22.30
CA MET B 72 -19.11 -25.10 -22.05
C MET B 72 -19.39 -24.72 -20.59
N GLU B 73 -18.41 -24.98 -19.73
CA GLU B 73 -18.54 -24.78 -18.30
C GLU B 73 -17.23 -24.20 -17.80
N ILE B 74 -17.20 -23.96 -16.50
CA ILE B 74 -16.02 -23.55 -15.77
C ILE B 74 -16.04 -24.29 -14.45
N HIS B 75 -14.95 -24.95 -14.13
CA HIS B 75 -14.93 -25.67 -12.88
C HIS B 75 -13.84 -25.12 -11.98
N LEU B 76 -14.04 -25.36 -10.69
CA LEU B 76 -13.07 -25.06 -9.64
C LEU B 76 -13.01 -26.27 -8.74
N GLN B 77 -11.79 -26.65 -8.38
CA GLN B 77 -11.60 -27.82 -7.56
C GLN B 77 -10.72 -27.37 -6.41
N THR B 78 -11.08 -27.75 -5.20
CA THR B 78 -10.24 -27.47 -4.06
C THR B 78 -9.77 -28.81 -3.52
N ASN B 79 -8.55 -28.85 -3.04
CA ASN B 79 -8.02 -30.04 -2.38
C ASN B 79 -7.42 -29.62 -1.06
N ALA B 80 -8.02 -30.09 0.04
CA ALA B 80 -7.49 -29.75 1.36
C ALA B 80 -6.17 -30.47 1.64
N GLU B 81 -6.14 -31.79 1.38
CA GLU B 81 -5.07 -32.62 1.91
C GLU B 81 -3.80 -32.57 1.08
N LYS B 82 -3.89 -32.42 -0.24
CA LYS B 82 -2.68 -32.10 -0.97
C LYS B 82 -2.45 -30.59 -1.11
N GLY B 83 -3.42 -29.77 -0.71
CA GLY B 83 -3.27 -28.32 -0.65
C GLY B 83 -3.27 -27.53 -1.95
N THR B 84 -3.93 -28.02 -3.00
CA THR B 84 -3.91 -27.36 -4.29
C THR B 84 -5.31 -26.93 -4.69
N ILE B 85 -5.42 -25.96 -5.62
CA ILE B 85 -6.70 -25.59 -6.24
C ILE B 85 -6.53 -25.37 -7.74
N THR B 86 -7.44 -25.92 -8.54
CA THR B 86 -7.31 -25.80 -9.98
C THR B 86 -8.59 -25.33 -10.65
N ILE B 87 -8.41 -24.60 -11.75
CA ILE B 87 -9.54 -24.08 -12.52
C ILE B 87 -9.40 -24.54 -13.96
N GLN B 88 -10.46 -25.13 -14.50
CA GLN B 88 -10.46 -25.64 -15.87
C GLN B 88 -11.67 -25.11 -16.63
N ASP B 89 -11.43 -24.35 -17.71
CA ASP B 89 -12.54 -24.07 -18.61
C ASP B 89 -12.52 -25.07 -19.78
N THR B 90 -13.47 -24.94 -20.67
CA THR B 90 -13.50 -25.79 -21.85
C THR B 90 -13.50 -24.89 -23.07
N GLY B 91 -12.72 -23.80 -22.96
CA GLY B 91 -12.74 -22.70 -23.91
C GLY B 91 -12.01 -22.89 -25.22
N ILE B 92 -11.38 -21.81 -25.68
CA ILE B 92 -10.62 -21.88 -26.92
C ILE B 92 -9.24 -22.48 -26.69
N GLY B 93 -8.74 -22.44 -25.45
CA GLY B 93 -7.42 -23.00 -25.18
C GLY B 93 -6.31 -22.12 -25.74
N MET B 94 -5.07 -22.45 -25.45
CA MET B 94 -3.94 -21.70 -26.01
C MET B 94 -3.09 -22.60 -26.91
N THR B 95 -2.51 -22.00 -27.95
CA THR B 95 -1.58 -22.65 -28.85
C THR B 95 -0.15 -22.56 -28.30
N GLN B 96 0.79 -23.19 -28.99
CA GLN B 96 2.17 -23.17 -28.50
C GLN B 96 2.69 -21.76 -28.30
N GLU B 97 2.28 -20.83 -29.15
CA GLU B 97 2.79 -19.47 -29.06
C GLU B 97 2.28 -18.73 -27.83
N GLU B 98 0.96 -18.75 -27.56
CA GLU B 98 0.46 -18.06 -26.37
C GLU B 98 1.18 -18.49 -25.10
N LEU B 99 1.51 -19.78 -24.97
CA LEU B 99 2.18 -20.21 -23.75
C LEU B 99 3.60 -19.69 -23.61
N VAL B 100 4.18 -19.15 -24.67
CA VAL B 100 5.46 -18.46 -24.56
C VAL B 100 5.33 -16.95 -24.75
N SER B 101 4.19 -16.48 -25.28
CA SER B 101 3.86 -15.08 -25.56
C SER B 101 3.60 -14.22 -24.33
N ASN B 102 3.65 -14.76 -23.11
CA ASN B 102 3.20 -14.00 -21.95
C ASN B 102 4.27 -13.10 -21.30
N VAL B 134 -1.88 -10.00 -17.41
CA VAL B 134 -3.13 -10.74 -17.28
C VAL B 134 -3.25 -11.40 -15.92
N GLY B 135 -4.06 -12.45 -15.86
CA GLY B 135 -4.21 -13.19 -14.62
C GLY B 135 -2.94 -14.00 -14.43
N PHE B 136 -1.86 -13.56 -15.09
CA PHE B 136 -0.58 -14.22 -15.04
C PHE B 136 0.27 -13.67 -13.90
N TYR B 137 0.13 -12.40 -13.56
CA TYR B 137 0.98 -11.95 -12.46
C TYR B 137 0.30 -12.18 -11.11
N SER B 138 -1.03 -12.29 -11.13
CA SER B 138 -1.81 -12.52 -9.92
C SER B 138 -1.76 -13.97 -9.47
N ALA B 139 -1.81 -14.91 -10.42
CA ALA B 139 -1.72 -16.34 -10.11
C ALA B 139 -0.47 -16.67 -9.30
N PHE B 140 0.63 -15.97 -9.55
CA PHE B 140 1.86 -16.31 -8.86
C PHE B 140 1.86 -15.85 -7.41
N MET B 141 1.11 -14.80 -7.05
CA MET B 141 1.25 -14.31 -5.69
C MET B 141 0.77 -15.31 -4.64
N VAL B 142 0.19 -16.44 -5.03
CA VAL B 142 -0.40 -17.37 -4.07
C VAL B 142 0.19 -18.76 -4.14
N ALA B 143 0.99 -19.07 -5.15
CA ALA B 143 1.48 -20.42 -5.40
C ALA B 143 2.95 -20.58 -5.00
N ASP B 144 3.27 -21.74 -4.45
CA ASP B 144 4.67 -22.15 -4.45
C ASP B 144 5.13 -22.56 -5.85
N ARG B 145 4.21 -23.00 -6.71
CA ARG B 145 4.50 -23.46 -8.06
C ARG B 145 3.21 -23.65 -8.83
N VAL B 146 3.21 -23.28 -10.11
CA VAL B 146 2.02 -23.36 -10.97
C VAL B 146 2.18 -24.50 -11.96
N GLU B 147 1.08 -25.20 -12.24
CA GLU B 147 1.04 -26.30 -13.20
C GLU B 147 -0.08 -26.03 -14.19
N VAL B 148 0.19 -26.11 -15.48
CA VAL B 148 -0.74 -25.66 -16.51
C VAL B 148 -0.84 -26.70 -17.61
N TYR B 149 -2.05 -26.96 -18.07
CA TYR B 149 -2.28 -27.85 -19.21
C TYR B 149 -3.25 -27.19 -20.17
N SER B 150 -2.77 -26.66 -21.28
CA SER B 150 -3.69 -26.12 -22.29
C SER B 150 -3.68 -27.04 -23.51
N ARG B 151 -4.64 -26.82 -24.40
CA ARG B 151 -4.65 -27.41 -25.73
C ARG B 151 -5.64 -26.63 -26.59
N SER B 152 -5.19 -26.21 -27.76
CA SER B 152 -5.97 -25.23 -28.51
C SER B 152 -7.27 -25.84 -29.03
N ALA B 153 -8.19 -24.96 -29.35
CA ALA B 153 -9.41 -25.41 -29.98
C ALA B 153 -9.15 -25.82 -31.42
N ALA B 154 -8.08 -25.32 -32.01
CA ALA B 154 -7.89 -25.47 -33.45
C ALA B 154 -7.70 -26.94 -33.79
N PRO B 155 -8.63 -27.56 -34.51
CA PRO B 155 -8.63 -29.03 -34.60
C PRO B 155 -7.39 -29.58 -35.31
N GLY B 156 -6.72 -30.50 -34.61
CA GLY B 156 -5.37 -30.90 -34.94
C GLY B 156 -4.32 -30.31 -34.04
N SER B 157 -4.69 -29.91 -32.82
CA SER B 157 -3.78 -29.25 -31.89
C SER B 157 -3.33 -30.23 -30.80
N LEU B 158 -2.08 -30.07 -30.39
CA LEU B 158 -1.51 -30.90 -29.35
C LEU B 158 -1.69 -30.22 -28.00
N GLY B 159 -1.38 -30.97 -26.94
CA GLY B 159 -1.46 -30.47 -25.58
C GLY B 159 -0.06 -30.24 -25.05
N TYR B 160 0.06 -29.30 -24.11
CA TYR B 160 1.32 -28.86 -23.57
C TYR B 160 1.18 -28.69 -22.06
N GLN B 161 2.22 -29.03 -21.34
CA GLN B 161 2.36 -28.72 -19.92
C GLN B 161 3.05 -27.39 -19.83
N TRP B 162 2.90 -26.72 -18.69
CA TRP B 162 3.56 -25.43 -18.45
C TRP B 162 3.84 -25.37 -16.96
N LEU B 163 5.11 -25.41 -16.60
CA LEU B 163 5.52 -25.40 -15.22
C LEU B 163 6.30 -24.13 -14.95
N SER B 164 6.27 -23.72 -13.68
CA SER B 164 7.05 -22.62 -13.13
C SER B 164 6.83 -22.57 -11.63
N ASP B 165 7.89 -22.27 -10.91
CA ASP B 165 7.87 -21.91 -9.51
C ASP B 165 8.20 -20.43 -9.36
N GLY B 166 7.70 -19.63 -10.29
CA GLY B 166 7.83 -18.18 -10.21
C GLY B 166 9.22 -17.62 -10.29
N SER B 167 10.25 -18.44 -10.33
CA SER B 167 11.56 -17.89 -10.65
C SER B 167 11.63 -17.66 -12.15
N GLY B 168 12.74 -17.05 -12.59
CA GLY B 168 12.91 -16.63 -13.98
C GLY B 168 12.68 -17.68 -15.04
N VAL B 169 12.44 -18.91 -14.62
CA VAL B 169 12.43 -20.07 -15.51
C VAL B 169 11.13 -20.85 -15.42
N PHE B 170 10.63 -21.25 -16.59
CA PHE B 170 9.46 -22.10 -16.76
C PHE B 170 9.79 -23.25 -17.71
N GLU B 171 9.56 -24.48 -17.27
CA GLU B 171 9.68 -25.60 -18.17
C GLU B 171 8.43 -25.59 -19.02
N ILE B 172 8.48 -26.13 -20.23
CA ILE B 172 7.26 -26.17 -21.04
C ILE B 172 7.21 -27.34 -21.98
N ALA B 173 6.27 -28.27 -21.79
CA ALA B 173 6.38 -29.57 -22.44
C ALA B 173 5.09 -30.03 -23.10
N GLU B 174 5.23 -30.73 -24.20
CA GLU B 174 4.12 -31.48 -24.77
C GLU B 174 3.75 -32.63 -23.84
N ALA B 175 2.45 -32.88 -23.71
CA ALA B 175 1.93 -33.88 -22.78
C ALA B 175 0.71 -34.53 -23.39
N SER B 176 0.45 -35.77 -22.99
CA SER B 176 -0.64 -36.56 -23.54
C SER B 176 -1.85 -36.50 -22.61
N GLY B 177 -3.04 -36.52 -23.20
CA GLY B 177 -4.28 -36.54 -22.42
C GLY B 177 -4.91 -35.19 -22.09
N VAL B 178 -4.30 -34.08 -22.53
CA VAL B 178 -4.84 -32.76 -22.26
C VAL B 178 -6.23 -32.61 -22.88
N ARG B 179 -7.17 -32.05 -22.12
CA ARG B 179 -8.50 -31.72 -22.64
C ARG B 179 -8.54 -30.32 -23.25
N THR B 180 -9.28 -30.20 -24.37
CA THR B 180 -9.44 -28.90 -25.03
C THR B 180 -9.80 -27.83 -24.03
N GLY B 181 -9.14 -26.68 -24.16
CA GLY B 181 -9.18 -25.65 -23.16
C GLY B 181 -7.89 -25.46 -22.41
N THR B 182 -7.98 -25.15 -21.12
CA THR B 182 -6.85 -24.73 -20.28
C THR B 182 -7.15 -25.14 -18.86
N LYS B 183 -6.34 -26.02 -18.31
CA LYS B 183 -6.38 -26.30 -16.89
C LYS B 183 -5.24 -25.52 -16.23
N ILE B 184 -5.50 -25.05 -15.02
CA ILE B 184 -4.49 -24.35 -14.23
C ILE B 184 -4.60 -24.91 -12.82
N ILE B 185 -3.48 -25.42 -12.32
CA ILE B 185 -3.37 -26.03 -11.01
C ILE B 185 -2.38 -25.20 -10.23
N ILE B 186 -2.68 -24.98 -8.96
CA ILE B 186 -1.91 -24.10 -8.10
C ILE B 186 -1.69 -24.80 -6.77
N HIS B 187 -0.42 -24.97 -6.42
CA HIS B 187 -0.04 -25.55 -5.15
C HIS B 187 0.19 -24.38 -4.20
N LEU B 188 -0.74 -24.19 -3.29
CA LEU B 188 -0.79 -22.95 -2.54
C LEU B 188 0.39 -22.85 -1.59
N LYS B 189 0.84 -21.63 -1.38
CA LYS B 189 1.94 -21.41 -0.48
C LYS B 189 1.64 -22.02 0.89
N SER B 190 2.71 -22.15 1.67
CA SER B 190 2.62 -22.62 3.04
C SER B 190 1.49 -21.93 3.81
N ASP B 191 1.35 -20.62 3.61
CA ASP B 191 0.46 -19.76 4.38
C ASP B 191 -0.93 -19.55 3.79
N CYS B 192 -1.15 -19.91 2.52
CA CYS B 192 -2.42 -19.65 1.84
C CYS B 192 -3.29 -20.89 1.81
N LYS B 193 -3.20 -21.73 2.85
CA LYS B 193 -3.90 -23.00 2.85
C LYS B 193 -5.40 -22.83 2.96
N GLU B 194 -5.87 -21.59 3.08
CA GLU B 194 -7.31 -21.34 3.16
C GLU B 194 -8.02 -21.73 1.86
N PHE B 195 -7.49 -21.32 0.72
CA PHE B 195 -8.15 -21.59 -0.55
C PHE B 195 -8.29 -23.08 -0.88
N SER B 196 -7.74 -23.96 -0.05
CA SER B 196 -7.92 -25.39 -0.26
C SER B 196 -9.26 -25.93 0.26
N SER B 197 -9.93 -25.24 1.19
CA SER B 197 -11.20 -25.71 1.71
C SER B 197 -12.36 -24.97 1.06
N GLU B 198 -13.42 -25.71 0.70
CA GLU B 198 -14.56 -25.13 0.00
C GLU B 198 -15.41 -24.29 0.93
N ALA B 199 -15.53 -24.71 2.20
CA ALA B 199 -16.27 -23.90 3.17
C ALA B 199 -15.76 -22.48 3.15
N ARG B 200 -14.52 -22.29 2.70
CA ARG B 200 -13.89 -20.99 2.53
C ARG B 200 -13.97 -20.41 1.11
N VAL B 201 -13.93 -21.23 0.06
CA VAL B 201 -13.80 -20.67 -1.28
C VAL B 201 -15.16 -20.20 -1.82
N ARG B 202 -16.25 -20.73 -1.28
CA ARG B 202 -17.56 -20.32 -1.74
C ARG B 202 -17.71 -18.81 -1.62
N ASP B 203 -17.17 -18.21 -0.55
CA ASP B 203 -17.32 -16.76 -0.36
C ASP B 203 -16.74 -15.97 -1.53
N VAL B 204 -15.48 -16.22 -1.89
CA VAL B 204 -14.86 -15.46 -2.98
C VAL B 204 -15.57 -15.67 -4.30
N VAL B 205 -16.20 -16.82 -4.51
CA VAL B 205 -16.84 -17.07 -5.80
C VAL B 205 -18.20 -16.38 -5.88
N THR B 206 -19.07 -16.61 -4.89
CA THR B 206 -20.34 -15.87 -4.83
C THR B 206 -20.09 -14.37 -4.86
N LYS B 207 -19.00 -13.91 -4.22
CA LYS B 207 -18.73 -12.47 -4.15
C LYS B 207 -18.40 -11.89 -5.51
N TYR B 208 -17.30 -12.34 -6.09
CA TYR B 208 -16.75 -11.65 -7.26
C TYR B 208 -17.39 -12.12 -8.56
N SER B 209 -17.79 -13.38 -8.64
CA SER B 209 -18.22 -13.92 -9.90
C SER B 209 -19.64 -14.44 -9.85
N ASN B 210 -20.51 -13.80 -9.05
CA ASN B 210 -21.88 -14.27 -9.11
C ASN B 210 -22.53 -13.92 -10.44
N PHE B 211 -21.83 -13.19 -11.31
CA PHE B 211 -22.43 -12.84 -12.60
C PHE B 211 -21.65 -13.32 -13.83
N VAL B 212 -20.79 -14.33 -13.70
CA VAL B 212 -20.04 -14.78 -14.87
C VAL B 212 -20.99 -15.51 -15.81
N SER B 213 -20.88 -15.21 -17.08
CA SER B 213 -21.90 -15.56 -18.06
C SER B 213 -21.87 -17.03 -18.51
N PHE B 214 -21.12 -17.92 -17.87
CA PHE B 214 -21.11 -19.34 -18.16
C PHE B 214 -21.21 -20.12 -16.86
N PRO B 215 -21.68 -21.36 -16.89
CA PRO B 215 -21.80 -22.14 -15.65
C PRO B 215 -20.46 -22.22 -14.95
N LEU B 216 -20.50 -22.26 -13.64
CA LEU B 216 -19.30 -22.15 -12.81
C LEU B 216 -19.45 -23.09 -11.64
N TYR B 217 -18.65 -24.12 -11.61
CA TYR B 217 -18.71 -25.15 -10.60
C TYR B 217 -17.52 -25.03 -9.66
N LEU B 218 -17.84 -25.05 -8.37
CA LEU B 218 -16.86 -25.06 -7.29
C LEU B 218 -17.00 -26.49 -6.79
N ASN B 219 -15.92 -27.26 -6.81
CA ASN B 219 -15.98 -28.67 -6.43
C ASN B 219 -17.19 -29.35 -7.05
N GLY B 220 -17.50 -29.07 -8.30
CA GLY B 220 -18.64 -29.71 -8.92
C GLY B 220 -20.02 -29.28 -8.41
N ARG B 221 -20.12 -28.30 -7.52
CA ARG B 221 -21.41 -27.74 -7.14
C ARG B 221 -21.70 -26.57 -8.04
N ARG B 222 -22.86 -26.55 -8.67
CA ARG B 222 -23.12 -25.42 -9.56
C ARG B 222 -23.16 -24.14 -8.73
N MET B 223 -22.29 -23.20 -9.05
CA MET B 223 -22.27 -21.93 -8.34
C MET B 223 -23.11 -20.95 -9.12
N ASN B 224 -23.80 -20.08 -8.38
CA ASN B 224 -24.78 -19.20 -9.00
C ASN B 224 -24.17 -18.36 -10.10
N THR B 225 -24.97 -18.15 -11.13
CA THR B 225 -24.81 -17.03 -12.03
C THR B 225 -26.22 -16.48 -12.20
N LEU B 226 -26.45 -15.30 -11.62
CA LEU B 226 -27.64 -14.57 -11.99
C LEU B 226 -27.35 -13.85 -13.30
N GLN B 227 -28.39 -13.35 -13.94
CA GLN B 227 -28.22 -12.67 -15.20
C GLN B 227 -27.66 -11.27 -14.92
N ALA B 228 -26.48 -10.99 -15.44
CA ALA B 228 -26.02 -9.61 -15.44
C ALA B 228 -26.82 -8.92 -16.52
N ILE B 229 -27.96 -8.35 -16.12
CA ILE B 229 -28.84 -7.67 -17.06
C ILE B 229 -28.36 -6.29 -17.43
N TRP B 230 -27.42 -5.73 -16.66
CA TRP B 230 -26.93 -4.42 -17.01
C TRP B 230 -26.10 -4.42 -18.28
N MET B 231 -25.65 -5.58 -18.73
CA MET B 231 -24.98 -5.58 -20.02
C MET B 231 -25.96 -5.35 -21.15
N MET B 232 -27.19 -5.85 -21.00
CA MET B 232 -28.08 -5.87 -22.14
C MET B 232 -28.43 -4.45 -22.56
N ASP B 233 -28.94 -4.31 -23.77
CA ASP B 233 -29.35 -2.93 -24.03
C ASP B 233 -30.68 -2.66 -23.35
N PRO B 234 -30.84 -1.46 -22.78
CA PRO B 234 -31.99 -1.21 -21.89
C PRO B 234 -33.33 -1.53 -22.51
N LYS B 235 -33.43 -1.37 -23.82
CA LYS B 235 -34.69 -1.61 -24.49
C LYS B 235 -35.19 -3.03 -24.28
N ASP B 236 -34.27 -3.99 -24.22
CA ASP B 236 -34.66 -5.40 -24.21
C ASP B 236 -34.77 -5.99 -22.82
N VAL B 237 -34.57 -5.17 -21.78
CA VAL B 237 -34.73 -5.60 -20.41
C VAL B 237 -36.17 -5.34 -20.01
N ARG B 238 -36.98 -6.39 -19.96
CA ARG B 238 -38.34 -6.19 -19.54
C ARG B 238 -38.36 -5.74 -18.08
N GLU B 239 -39.53 -5.31 -17.64
CA GLU B 239 -39.63 -4.77 -16.29
C GLU B 239 -39.47 -5.84 -15.22
N TRP B 240 -40.11 -7.00 -15.38
CA TRP B 240 -40.07 -8.01 -14.32
C TRP B 240 -38.64 -8.43 -13.96
N GLN B 241 -37.71 -8.35 -14.92
CA GLN B 241 -36.33 -8.73 -14.66
C GLN B 241 -35.69 -7.80 -13.64
N HIS B 242 -36.00 -6.50 -13.75
CA HIS B 242 -35.53 -5.46 -12.82
C HIS B 242 -35.94 -5.72 -11.36
N GLU B 243 -37.19 -6.11 -11.13
CA GLU B 243 -37.58 -6.31 -9.75
C GLU B 243 -36.72 -7.38 -9.11
N GLU B 244 -36.66 -8.55 -9.74
CA GLU B 244 -35.83 -9.66 -9.27
C GLU B 244 -34.37 -9.25 -9.09
N PHE B 245 -33.87 -8.37 -9.94
CA PHE B 245 -32.49 -7.96 -9.78
C PHE B 245 -32.34 -6.95 -8.66
N TYR B 246 -33.29 -6.01 -8.56
CA TYR B 246 -33.27 -5.05 -7.46
C TYR B 246 -33.24 -5.76 -6.12
N ARG B 247 -34.14 -6.74 -5.94
CA ARG B 247 -34.22 -7.45 -4.67
C ARG B 247 -32.91 -8.09 -4.28
N TYR B 248 -32.05 -8.39 -5.25
CA TYR B 248 -30.72 -8.90 -4.93
C TYR B 248 -29.85 -7.76 -4.44
N VAL B 249 -29.64 -6.75 -5.29
CA VAL B 249 -28.70 -5.66 -5.01
C VAL B 249 -29.02 -4.95 -3.69
N ALA B 250 -30.27 -5.02 -3.24
CA ALA B 250 -30.68 -4.39 -2.00
C ALA B 250 -31.08 -5.40 -0.92
N GLN B 251 -31.11 -6.68 -1.26
CA GLN B 251 -31.52 -7.72 -0.31
C GLN B 251 -32.92 -7.42 0.22
N ALA B 252 -33.76 -6.86 -0.64
CA ALA B 252 -35.05 -6.27 -0.27
C ALA B 252 -36.20 -7.19 -0.66
N HIS B 253 -37.42 -6.72 -0.34
CA HIS B 253 -38.67 -7.39 -0.65
C HIS B 253 -39.70 -6.49 -1.32
N ASP B 254 -39.28 -5.36 -1.87
CA ASP B 254 -40.24 -4.45 -2.50
C ASP B 254 -39.85 -4.21 -3.95
N LYS B 255 -40.64 -3.40 -4.62
CA LYS B 255 -40.32 -2.91 -5.95
C LYS B 255 -39.53 -1.61 -5.86
N PRO B 256 -38.92 -1.17 -6.97
CA PRO B 256 -38.26 0.14 -6.99
C PRO B 256 -39.15 1.28 -7.46
N ARG B 257 -39.19 2.40 -6.75
CA ARG B 257 -40.06 3.47 -7.25
C ARG B 257 -39.51 4.04 -8.55
N TYR B 258 -38.20 3.95 -8.77
CA TYR B 258 -37.59 4.33 -10.04
C TYR B 258 -36.55 3.31 -10.47
N THR B 259 -36.30 3.30 -11.77
CA THR B 259 -35.31 2.47 -12.46
C THR B 259 -34.56 3.32 -13.46
N LEU B 260 -33.24 3.18 -13.47
CA LEU B 260 -32.42 3.74 -14.53
C LEU B 260 -31.46 2.68 -15.02
N HIS B 261 -31.59 2.33 -16.29
CA HIS B 261 -30.71 1.41 -16.98
C HIS B 261 -29.96 2.24 -18.00
N TYR B 262 -28.85 2.82 -17.57
CA TYR B 262 -28.02 3.69 -18.38
C TYR B 262 -26.92 2.87 -19.04
N LYS B 263 -27.06 2.64 -20.34
CA LYS B 263 -26.04 1.97 -21.14
C LYS B 263 -25.42 3.01 -22.06
N THR B 264 -24.15 3.32 -21.86
CA THR B 264 -23.42 4.12 -22.82
C THR B 264 -21.94 3.73 -22.84
N ASP B 265 -21.39 3.66 -24.05
CA ASP B 265 -20.00 3.35 -24.25
C ASP B 265 -19.21 4.51 -24.83
N ALA B 266 -19.89 5.47 -25.49
CA ALA B 266 -19.24 6.53 -26.25
C ALA B 266 -18.22 7.33 -25.42
N PRO B 267 -18.59 8.07 -24.31
CA PRO B 267 -17.54 8.79 -23.60
C PRO B 267 -16.61 7.84 -22.86
N LEU B 268 -17.23 6.98 -22.06
CA LEU B 268 -16.57 5.95 -21.28
C LEU B 268 -17.50 4.75 -21.28
N ASN B 269 -16.94 3.54 -21.34
CA ASN B 269 -17.80 2.36 -21.28
C ASN B 269 -18.53 2.33 -19.97
N ILE B 270 -19.86 2.37 -20.02
CA ILE B 270 -20.67 2.21 -18.82
C ILE B 270 -21.84 1.30 -19.14
N ARG B 271 -22.06 0.31 -18.29
CA ARG B 271 -23.25 -0.52 -18.30
C ARG B 271 -23.74 -0.42 -16.86
N SER B 272 -24.63 0.52 -16.59
CA SER B 272 -25.08 0.77 -15.23
C SER B 272 -26.57 0.53 -15.10
N ILE B 273 -26.99 0.31 -13.87
CA ILE B 273 -28.40 0.26 -13.53
C ILE B 273 -28.60 0.91 -12.18
N PHE B 274 -29.62 1.80 -12.09
CA PHE B 274 -29.93 2.49 -10.85
C PHE B 274 -31.36 2.24 -10.43
N TYR B 275 -31.53 2.07 -9.13
CA TYR B 275 -32.81 1.80 -8.50
C TYR B 275 -33.00 2.69 -7.28
N VAL B 276 -34.23 3.24 -7.13
CA VAL B 276 -34.61 3.97 -5.93
C VAL B 276 -35.69 3.16 -5.22
N PRO B 277 -35.54 2.85 -3.93
CA PRO B 277 -36.55 2.02 -3.26
C PRO B 277 -37.89 2.73 -3.25
N ASP B 278 -38.95 1.93 -3.33
CA ASP B 278 -40.29 2.48 -3.30
C ASP B 278 -40.62 2.99 -1.90
N MET B 279 -39.79 2.66 -0.91
CA MET B 279 -40.01 2.96 0.49
C MET B 279 -39.23 4.20 0.92
N LYS B 280 -39.47 4.61 2.10
CA LYS B 280 -38.76 5.71 2.73
C LYS B 280 -37.66 5.18 3.62
N PRO B 281 -36.53 5.90 3.74
CA PRO B 281 -35.52 5.50 4.72
C PRO B 281 -35.98 5.66 6.19
N SER B 293 -23.75 3.03 -2.31
CA SER B 293 -24.03 1.64 -1.98
C SER B 293 -24.35 0.86 -3.24
N VAL B 294 -24.03 1.50 -4.36
CA VAL B 294 -23.91 0.78 -5.63
C VAL B 294 -22.70 -0.15 -5.63
N ALA B 295 -22.89 -1.32 -6.22
CA ALA B 295 -21.76 -2.17 -6.47
C ALA B 295 -20.95 -1.61 -7.64
N LEU B 296 -19.72 -2.09 -7.78
CA LEU B 296 -18.84 -1.72 -8.87
C LEU B 296 -18.28 -2.97 -9.55
N TYR B 297 -18.62 -3.16 -10.83
CA TYR B 297 -18.24 -4.36 -11.54
C TYR B 297 -17.45 -3.96 -12.77
N SER B 298 -16.72 -4.93 -13.30
CA SER B 298 -16.20 -4.81 -14.65
C SER B 298 -16.45 -6.12 -15.38
N ARG B 299 -17.14 -6.06 -16.50
CA ARG B 299 -17.43 -7.24 -17.33
C ARG B 299 -17.90 -8.42 -16.50
N LYS B 300 -18.84 -8.18 -15.59
CA LYS B 300 -19.54 -9.21 -14.80
C LYS B 300 -18.74 -9.67 -13.58
N VAL B 301 -17.59 -9.06 -13.27
CA VAL B 301 -16.79 -9.43 -12.11
C VAL B 301 -16.58 -8.24 -11.19
N LEU B 302 -16.70 -8.49 -9.89
CA LEU B 302 -16.93 -7.50 -8.85
C LEU B 302 -15.70 -6.69 -8.54
N ILE B 303 -15.88 -5.43 -8.17
CA ILE B 303 -14.82 -4.66 -7.50
C ILE B 303 -15.15 -4.34 -6.04
N GLN B 304 -16.33 -3.78 -5.77
CA GLN B 304 -16.73 -3.50 -4.39
C GLN B 304 -18.25 -3.61 -4.24
N THR B 305 -18.69 -4.25 -3.15
CA THR B 305 -20.12 -4.40 -2.90
C THR B 305 -20.75 -3.11 -2.38
N LYS B 306 -20.02 -2.32 -1.60
CA LYS B 306 -20.53 -1.00 -1.23
C LYS B 306 -19.55 0.05 -1.71
N ALA B 307 -19.41 0.14 -3.04
CA ALA B 307 -18.35 0.93 -3.66
C ALA B 307 -18.49 2.40 -3.34
N THR B 308 -17.52 2.94 -2.62
CA THR B 308 -17.46 4.33 -2.17
C THR B 308 -16.85 5.22 -3.25
N ASP B 309 -17.13 6.54 -3.16
CA ASP B 309 -16.62 7.56 -4.08
C ASP B 309 -16.95 7.26 -5.54
N ILE B 310 -18.14 6.73 -5.75
CA ILE B 310 -18.64 6.44 -7.09
C ILE B 310 -19.71 7.43 -7.58
N LEU B 311 -20.56 7.88 -6.67
CA LEU B 311 -21.51 8.98 -6.83
C LEU B 311 -21.09 10.11 -5.92
N PRO B 312 -21.67 11.29 -6.10
CA PRO B 312 -21.46 12.34 -5.11
C PRO B 312 -22.11 11.93 -3.79
N LYS B 313 -21.64 12.55 -2.69
CA LYS B 313 -22.08 12.13 -1.36
C LYS B 313 -23.59 12.01 -1.26
N TRP B 314 -24.31 12.90 -1.94
CA TRP B 314 -25.75 13.04 -1.74
C TRP B 314 -26.60 12.05 -2.52
N LEU B 315 -26.01 11.13 -3.28
CA LEU B 315 -26.79 10.12 -3.98
C LEU B 315 -26.75 8.75 -3.32
N ARG B 316 -26.29 8.65 -2.06
CA ARG B 316 -26.12 7.36 -1.42
C ARG B 316 -27.43 6.60 -1.24
N PHE B 317 -28.56 7.23 -1.52
CA PHE B 317 -29.83 6.56 -1.39
C PHE B 317 -30.15 5.70 -2.60
N ILE B 318 -29.28 5.72 -3.59
CA ILE B 318 -29.43 4.95 -4.83
C ILE B 318 -28.84 3.58 -4.59
N ARG B 319 -29.59 2.54 -4.93
CA ARG B 319 -28.99 1.23 -5.06
C ARG B 319 -28.79 0.95 -6.56
N GLY B 320 -28.21 -0.22 -6.87
CA GLY B 320 -27.89 -0.56 -8.25
C GLY B 320 -26.38 -0.76 -8.46
N VAL B 321 -25.95 -0.60 -9.72
CA VAL B 321 -24.61 -1.05 -10.10
C VAL B 321 -24.16 -0.34 -11.38
N VAL B 322 -22.91 0.13 -11.36
CA VAL B 322 -22.22 0.60 -12.57
C VAL B 322 -21.15 -0.42 -12.93
N ASP B 323 -21.12 -0.80 -14.19
CA ASP B 323 -20.13 -1.74 -14.68
C ASP B 323 -19.39 -1.06 -15.82
N SER B 324 -18.05 -1.02 -15.76
CA SER B 324 -17.28 -0.36 -16.79
C SER B 324 -16.08 -1.22 -17.19
N GLU B 325 -15.51 -0.91 -18.35
CA GLU B 325 -14.47 -1.71 -18.99
C GLU B 325 -13.18 -0.93 -19.26
N ASP B 326 -12.80 -0.06 -18.33
CA ASP B 326 -11.52 0.64 -18.35
C ASP B 326 -10.76 0.47 -17.03
N SER B 339 -9.17 5.38 -8.39
CA SER B 339 -9.19 6.52 -7.47
C SER B 339 -8.52 7.76 -8.07
N ALA B 340 -8.12 7.65 -9.34
CA ALA B 340 -7.35 8.72 -9.97
C ALA B 340 -8.24 9.56 -10.89
N LEU B 341 -8.63 8.99 -12.03
CA LEU B 341 -9.43 9.68 -13.04
C LEU B 341 -10.91 9.29 -12.97
N ILE B 342 -11.31 8.59 -11.91
CA ILE B 342 -12.69 8.21 -11.62
C ILE B 342 -13.51 9.43 -11.27
N ARG B 343 -12.86 10.59 -11.17
CA ARG B 343 -13.57 11.81 -10.84
C ARG B 343 -14.52 12.25 -11.95
N LYS B 344 -14.41 11.66 -13.15
CA LYS B 344 -15.30 11.98 -14.26
C LYS B 344 -16.24 10.85 -14.64
N LEU B 345 -16.04 9.65 -14.12
CA LEU B 345 -17.13 8.67 -14.10
C LEU B 345 -18.22 9.13 -13.14
N ARG B 346 -17.80 9.70 -12.02
CA ARG B 346 -18.75 10.22 -11.04
C ARG B 346 -19.55 11.36 -11.64
N ASP B 347 -18.89 12.23 -12.41
CA ASP B 347 -19.59 13.40 -12.93
C ASP B 347 -20.65 13.02 -13.95
N VAL B 348 -20.36 12.08 -14.84
CA VAL B 348 -21.36 11.78 -15.85
C VAL B 348 -22.55 11.06 -15.24
N LEU B 349 -22.35 10.24 -14.21
CA LEU B 349 -23.48 9.65 -13.52
C LEU B 349 -24.30 10.71 -12.81
N GLN B 350 -23.63 11.61 -12.08
CA GLN B 350 -24.32 12.72 -11.43
C GLN B 350 -25.16 13.49 -12.43
N GLN B 351 -24.56 13.86 -13.57
CA GLN B 351 -25.29 14.63 -14.56
C GLN B 351 -26.45 13.82 -15.14
N ARG B 352 -26.21 12.55 -15.48
CA ARG B 352 -27.26 11.71 -16.05
C ARG B 352 -28.38 11.49 -15.05
N LEU B 353 -28.05 11.34 -13.77
CA LEU B 353 -29.10 11.11 -12.78
C LEU B 353 -30.00 12.33 -12.56
N ILE B 354 -29.43 13.52 -12.45
CA ILE B 354 -30.27 14.73 -12.36
C ILE B 354 -31.23 14.90 -13.54
N LYS B 355 -30.71 14.78 -14.76
CA LYS B 355 -31.55 14.74 -15.96
C LYS B 355 -32.57 13.60 -15.88
N PHE B 356 -32.35 12.61 -15.00
CA PHE B 356 -33.33 11.53 -14.87
C PHE B 356 -34.51 11.94 -14.01
N PHE B 357 -34.27 12.78 -13.00
CA PHE B 357 -35.35 13.24 -12.15
C PHE B 357 -36.07 14.43 -12.76
N ILE B 358 -35.31 15.39 -13.28
CA ILE B 358 -35.89 16.47 -14.08
C ILE B 358 -36.92 15.92 -15.05
N ASP B 359 -36.70 14.74 -15.55
CA ASP B 359 -37.66 14.16 -16.47
C ASP B 359 -38.61 13.21 -15.76
N GLN B 360 -38.38 12.93 -14.48
CA GLN B 360 -39.41 12.23 -13.75
C GLN B 360 -40.50 13.18 -13.28
N SER B 361 -40.12 14.30 -12.66
CA SER B 361 -41.09 15.34 -12.33
C SER B 361 -41.86 15.79 -13.56
N LYS B 362 -41.15 16.06 -14.65
CA LYS B 362 -41.81 16.41 -15.88
C LYS B 362 -42.60 15.19 -16.32
N LYS B 363 -43.88 15.38 -16.62
CA LYS B 363 -44.76 14.33 -17.11
C LYS B 363 -45.13 13.35 -15.99
N ASP B 364 -44.79 13.70 -14.75
CA ASP B 364 -45.11 12.87 -13.59
C ASP B 364 -44.80 13.75 -12.40
N ALA B 365 -45.82 14.17 -11.66
CA ALA B 365 -45.56 15.05 -10.55
C ALA B 365 -45.83 14.39 -9.19
N GLU B 366 -46.80 13.48 -9.08
CA GLU B 366 -47.21 12.92 -7.79
C GLU B 366 -46.38 11.71 -7.38
N LYS B 367 -45.89 10.93 -8.34
CA LYS B 367 -44.77 10.06 -8.02
C LYS B 367 -43.54 10.87 -7.64
N TYR B 368 -43.27 11.92 -8.41
CA TYR B 368 -42.09 12.70 -8.07
C TYR B 368 -42.25 13.33 -6.70
N ALA B 369 -43.39 13.97 -6.46
CA ALA B 369 -43.54 14.71 -5.21
C ALA B 369 -43.42 13.76 -4.02
N LYS B 370 -44.17 12.66 -4.04
CA LYS B 370 -44.09 11.68 -2.97
C LYS B 370 -42.64 11.34 -2.68
N PHE B 371 -41.85 11.16 -3.74
CA PHE B 371 -40.43 10.92 -3.63
C PHE B 371 -39.70 12.14 -3.06
N PHE B 372 -40.15 13.33 -3.41
CA PHE B 372 -39.44 14.50 -2.91
C PHE B 372 -39.78 14.76 -1.45
N GLU B 373 -40.84 14.16 -0.92
CA GLU B 373 -40.97 14.20 0.52
C GLU B 373 -40.01 13.22 1.17
N ASP B 374 -39.88 12.03 0.58
CA ASP B 374 -39.03 10.97 1.11
C ASP B 374 -37.54 11.29 1.02
N TYR B 375 -37.07 11.84 -0.10
CA TYR B 375 -35.62 11.96 -0.30
C TYR B 375 -35.15 13.39 -0.48
N GLY B 376 -36.00 14.36 -0.22
CA GLY B 376 -35.54 15.73 -0.29
C GLY B 376 -34.34 16.06 0.57
N LEU B 377 -34.06 15.24 1.59
CA LEU B 377 -32.94 15.50 2.49
C LEU B 377 -31.59 15.59 1.80
N PHE B 378 -31.36 14.69 0.85
CA PHE B 378 -30.13 14.61 0.11
C PHE B 378 -29.97 15.78 -0.86
N MET B 379 -31.04 16.09 -1.59
CA MET B 379 -30.99 17.23 -2.51
C MET B 379 -30.58 18.52 -1.81
N ARG B 380 -30.97 18.70 -0.56
CA ARG B 380 -30.51 19.91 0.10
C ARG B 380 -29.07 19.72 0.56
N GLU B 381 -28.80 18.61 1.24
CA GLU B 381 -27.42 18.25 1.57
C GLU B 381 -26.56 18.18 0.31
N GLY B 382 -27.13 17.67 -0.79
CA GLY B 382 -26.48 17.80 -2.09
C GLY B 382 -26.05 19.22 -2.41
N ILE B 383 -26.91 20.21 -2.16
CA ILE B 383 -26.52 21.58 -2.45
C ILE B 383 -25.77 22.18 -1.28
N VAL B 384 -25.82 21.55 -0.11
CA VAL B 384 -25.00 22.05 0.99
C VAL B 384 -23.53 21.70 0.74
N THR B 385 -23.27 20.53 0.20
CA THR B 385 -21.90 20.04 0.04
C THR B 385 -21.29 20.32 -1.33
N ALA B 386 -22.09 20.54 -2.37
CA ALA B 386 -21.53 21.00 -3.62
C ALA B 386 -20.85 22.34 -3.40
N THR B 387 -19.76 22.57 -4.12
CA THR B 387 -18.95 23.75 -3.90
C THR B 387 -19.14 24.81 -4.99
N GLU B 388 -19.31 24.37 -6.23
CA GLU B 388 -19.32 25.25 -7.39
C GLU B 388 -20.75 25.46 -7.87
N GLN B 389 -20.94 26.56 -8.61
CA GLN B 389 -22.26 27.14 -8.80
C GLN B 389 -23.26 26.24 -9.52
N GLU B 390 -23.07 26.03 -10.83
CA GLU B 390 -24.15 25.52 -11.67
C GLU B 390 -24.65 24.16 -11.17
N VAL B 391 -23.75 23.30 -10.70
CA VAL B 391 -24.14 22.04 -10.11
C VAL B 391 -25.25 22.24 -9.08
N LYS B 392 -25.06 23.20 -8.18
CA LYS B 392 -26.09 23.57 -7.20
C LYS B 392 -27.40 23.90 -7.89
N GLU B 393 -27.36 24.70 -8.97
CA GLU B 393 -28.57 24.95 -9.75
C GLU B 393 -29.16 23.64 -10.30
N ASP B 394 -28.31 22.79 -10.88
CA ASP B 394 -28.81 21.54 -11.44
C ASP B 394 -29.41 20.65 -10.36
N ILE B 395 -28.90 20.74 -9.13
CA ILE B 395 -29.61 20.06 -8.06
C ILE B 395 -30.83 20.87 -7.69
N ALA B 396 -30.71 22.20 -7.73
CA ALA B 396 -31.83 23.04 -7.37
C ALA B 396 -33.03 22.79 -8.27
N LYS B 397 -32.77 22.48 -9.54
CA LYS B 397 -33.85 22.27 -10.49
C LYS B 397 -34.74 21.09 -10.09
N LEU B 398 -34.44 20.44 -8.98
CA LEU B 398 -35.26 19.36 -8.43
C LEU B 398 -35.98 19.73 -7.16
N LEU B 399 -35.54 20.81 -6.49
CA LEU B 399 -36.21 21.29 -5.29
C LEU B 399 -37.67 21.64 -5.57
N ARG B 400 -38.54 21.22 -4.65
CA ARG B 400 -39.95 21.54 -4.71
C ARG B 400 -40.39 22.21 -3.40
N TYR B 401 -41.24 23.22 -3.53
CA TYR B 401 -41.66 23.98 -2.37
C TYR B 401 -43.11 24.38 -2.54
N GLU B 402 -43.81 24.50 -1.42
CA GLU B 402 -45.18 24.96 -1.48
C GLU B 402 -45.18 26.48 -1.60
N SER B 403 -46.23 27.01 -2.21
CA SER B 403 -46.32 28.44 -2.34
C SER B 403 -47.79 28.82 -2.42
N SER B 404 -48.05 30.12 -2.37
CA SER B 404 -49.42 30.63 -2.35
C SER B 404 -50.22 30.22 -3.58
N ALA B 405 -49.60 29.57 -4.58
CA ALA B 405 -50.27 29.35 -5.85
C ALA B 405 -51.36 28.29 -5.73
N LEU B 406 -51.41 27.54 -4.63
CA LEU B 406 -52.44 26.51 -4.46
C LEU B 406 -52.63 26.21 -2.97
N PRO B 407 -53.81 25.74 -2.56
CA PRO B 407 -53.97 25.46 -1.14
C PRO B 407 -53.48 24.12 -0.65
N SER B 408 -52.52 24.18 0.28
CA SER B 408 -52.05 23.04 1.05
C SER B 408 -51.80 21.81 0.20
N GLY B 409 -51.47 21.98 -1.07
CA GLY B 409 -51.33 20.83 -1.92
C GLY B 409 -49.98 20.75 -2.56
N GLN B 410 -49.97 21.18 -3.81
CA GLN B 410 -48.85 21.01 -4.72
C GLN B 410 -47.73 22.02 -4.50
N LEU B 411 -46.51 21.48 -4.57
CA LEU B 411 -45.29 22.24 -4.47
C LEU B 411 -44.87 22.70 -5.87
N THR B 412 -44.44 23.94 -5.96
CA THR B 412 -43.88 24.49 -7.17
C THR B 412 -42.39 24.18 -7.27
N SER B 413 -41.88 24.16 -8.50
CA SER B 413 -40.46 24.09 -8.79
C SER B 413 -39.94 25.50 -9.06
N LEU B 414 -38.67 25.73 -8.73
CA LEU B 414 -38.12 27.05 -9.00
C LEU B 414 -37.96 27.34 -10.48
N SER B 415 -38.11 26.35 -11.35
CA SER B 415 -38.28 26.65 -12.78
C SER B 415 -39.60 27.37 -13.03
N GLU B 416 -40.61 27.14 -12.19
CA GLU B 416 -41.86 27.87 -12.36
C GLU B 416 -41.67 29.34 -12.08
N TYR B 417 -41.03 29.69 -10.95
CA TYR B 417 -41.02 31.08 -10.50
C TYR B 417 -40.34 32.02 -11.51
N ALA B 418 -39.70 31.48 -12.56
CA ALA B 418 -39.21 32.35 -13.64
C ALA B 418 -40.30 32.74 -14.62
N SER B 419 -41.52 32.21 -14.46
CA SER B 419 -42.69 32.59 -15.24
C SER B 419 -43.66 33.45 -14.42
N ARG B 420 -43.13 34.19 -13.47
CA ARG B 420 -43.93 35.09 -12.65
C ARG B 420 -43.30 36.48 -12.69
N ASN B 427 -34.81 38.16 -7.73
CA ASN B 427 -36.14 38.69 -7.50
C ASN B 427 -36.98 37.52 -6.93
N ILE B 428 -36.35 36.40 -6.52
CA ILE B 428 -37.08 35.33 -5.84
C ILE B 428 -37.18 35.66 -4.36
N TYR B 429 -38.36 35.48 -3.80
CA TYR B 429 -38.55 35.65 -2.38
C TYR B 429 -39.07 34.35 -1.77
N TYR B 430 -38.63 34.10 -0.56
CA TYR B 430 -39.03 32.89 0.15
C TYR B 430 -39.14 33.25 1.61
N LEU B 431 -40.03 32.54 2.28
CA LEU B 431 -40.32 32.83 3.67
C LEU B 431 -40.34 31.50 4.40
N CYS B 432 -39.29 31.23 5.17
CA CYS B 432 -39.23 30.02 5.97
C CYS B 432 -40.25 30.09 7.10
N ALA B 433 -40.81 28.92 7.45
CA ALA B 433 -41.81 28.81 8.52
C ALA B 433 -42.13 27.34 8.81
N PRO B 434 -42.96 27.07 9.82
CA PRO B 434 -43.32 25.68 10.14
C PRO B 434 -44.66 25.09 9.65
N ASN B 435 -45.52 25.91 9.07
CA ASN B 435 -46.81 25.43 8.57
C ASN B 435 -47.48 26.49 7.69
N ARG B 436 -48.04 26.06 6.56
CA ARG B 436 -48.69 27.01 5.67
C ARG B 436 -49.81 27.77 6.38
N HIS B 437 -50.50 27.12 7.31
CA HIS B 437 -51.59 27.77 8.02
C HIS B 437 -51.05 28.57 9.21
N LEU B 438 -50.08 28.02 9.94
CA LEU B 438 -49.47 28.70 11.09
C LEU B 438 -48.80 30.01 10.70
N ALA B 439 -48.49 30.20 9.42
CA ALA B 439 -48.15 31.52 8.89
C ALA B 439 -49.41 32.32 8.46
N GLU B 440 -50.57 32.01 9.03
CA GLU B 440 -51.78 32.72 8.65
C GLU B 440 -51.69 34.19 8.98
N HIS B 441 -50.70 34.58 9.77
CA HIS B 441 -50.49 35.98 10.08
C HIS B 441 -48.99 36.21 10.20
N SER B 442 -48.24 35.78 9.20
CA SER B 442 -46.82 36.05 9.28
C SER B 442 -46.59 37.55 9.09
N PRO B 443 -46.12 38.30 10.14
CA PRO B 443 -46.00 39.76 10.04
C PRO B 443 -45.17 40.18 8.86
N TYR B 444 -44.36 39.23 8.39
CA TYR B 444 -43.46 39.43 7.27
C TYR B 444 -44.19 39.28 5.95
N TYR B 445 -44.96 38.20 5.82
CA TYR B 445 -45.65 37.93 4.56
C TYR B 445 -46.70 38.98 4.25
N GLU B 446 -47.59 39.26 5.19
CA GLU B 446 -48.63 40.24 4.93
C GLU B 446 -48.05 41.49 4.27
N ALA B 447 -47.02 42.07 4.88
CA ALA B 447 -46.43 43.31 4.35
C ALA B 447 -45.92 43.14 2.93
N MET B 448 -45.55 41.92 2.54
CA MET B 448 -44.90 41.67 1.26
C MET B 448 -45.85 41.24 0.14
N LYS B 449 -47.01 40.65 0.46
CA LYS B 449 -47.89 40.19 -0.62
C LYS B 449 -48.37 41.37 -1.46
N LYS B 450 -48.69 42.47 -0.81
CA LYS B 450 -49.08 43.75 -1.38
C LYS B 450 -47.92 44.53 -1.96
N LYS B 451 -46.70 43.99 -2.05
CA LYS B 451 -45.59 44.67 -2.72
C LYS B 451 -45.26 43.96 -4.02
N ASP B 452 -46.30 43.47 -4.72
CA ASP B 452 -46.22 42.95 -6.09
C ASP B 452 -45.40 41.65 -6.19
N THR B 453 -45.19 40.91 -5.10
CA THR B 453 -44.30 39.77 -5.18
C THR B 453 -44.87 38.58 -4.39
N GLU B 454 -44.75 37.38 -4.96
CA GLU B 454 -45.10 36.13 -4.29
C GLU B 454 -43.90 35.55 -3.53
N VAL B 455 -44.14 35.15 -2.28
CA VAL B 455 -43.08 34.50 -1.50
C VAL B 455 -43.23 32.99 -1.60
N LEU B 456 -42.17 32.30 -1.19
CA LEU B 456 -42.12 30.85 -1.18
C LEU B 456 -42.28 30.39 0.25
N PHE B 457 -42.96 29.27 0.45
CA PHE B 457 -43.18 28.75 1.79
C PHE B 457 -42.36 27.47 1.94
N CYS B 458 -41.17 27.57 2.51
CA CYS B 458 -40.39 26.38 2.81
C CYS B 458 -40.58 26.03 4.30
N PHE B 459 -40.60 24.73 4.61
CA PHE B 459 -40.99 24.27 5.94
C PHE B 459 -39.92 23.45 6.67
N GLU B 460 -38.66 23.48 6.25
CA GLU B 460 -37.64 22.58 6.81
C GLU B 460 -36.54 23.35 7.53
N GLN B 461 -35.77 22.62 8.33
CA GLN B 461 -34.81 23.26 9.23
C GLN B 461 -33.63 23.88 8.51
N PHE B 462 -33.18 23.28 7.40
CA PHE B 462 -32.01 23.79 6.72
C PHE B 462 -32.34 24.56 5.44
N ASP B 463 -33.60 24.48 4.98
CA ASP B 463 -34.06 25.28 3.84
C ASP B 463 -33.47 26.69 3.84
N GLU B 464 -33.42 27.32 5.01
CA GLU B 464 -32.81 28.64 5.11
C GLU B 464 -31.39 28.57 4.55
N LEU B 465 -30.50 27.77 5.15
CA LEU B 465 -29.14 27.80 4.62
C LEU B 465 -29.03 27.15 3.24
N THR B 466 -29.83 26.11 2.95
CA THR B 466 -29.90 25.62 1.57
C THR B 466 -30.04 26.79 0.62
N LEU B 467 -31.04 27.65 0.87
CA LEU B 467 -31.28 28.82 0.04
C LEU B 467 -30.28 29.92 0.30
N LEU B 468 -29.55 29.86 1.39
CA LEU B 468 -28.41 30.76 1.46
C LEU B 468 -27.24 30.20 0.66
N HIS B 469 -26.97 28.89 0.80
CA HIS B 469 -25.91 28.24 0.03
C HIS B 469 -26.20 28.30 -1.45
N LEU B 470 -27.44 28.02 -1.83
CA LEU B 470 -27.95 28.32 -3.15
C LEU B 470 -28.29 29.81 -3.23
N ARG B 471 -27.28 30.62 -3.46
CA ARG B 471 -27.51 32.04 -3.28
C ARG B 471 -28.18 32.69 -4.48
N GLU B 472 -28.22 32.03 -5.64
CA GLU B 472 -28.96 32.54 -6.79
C GLU B 472 -29.47 31.38 -7.62
N PHE B 473 -30.38 31.70 -8.53
CA PHE B 473 -30.96 30.70 -9.43
C PHE B 473 -31.38 31.38 -10.73
N ASP B 474 -30.96 30.83 -11.85
CA ASP B 474 -31.37 31.30 -13.17
C ASP B 474 -31.04 32.78 -13.34
N LYS B 475 -29.88 33.19 -12.83
CA LYS B 475 -29.45 34.59 -12.86
C LYS B 475 -30.48 35.51 -12.18
N LYS B 476 -30.94 35.10 -11.01
CA LYS B 476 -31.89 35.91 -10.24
C LYS B 476 -31.64 35.75 -8.76
N LYS B 477 -31.23 36.84 -8.10
CA LYS B 477 -31.01 36.82 -6.67
C LYS B 477 -32.15 36.05 -5.99
N LEU B 478 -31.78 35.08 -5.17
CA LEU B 478 -32.73 34.27 -4.43
C LEU B 478 -32.56 34.86 -3.05
N ILE B 479 -33.38 35.85 -2.73
CA ILE B 479 -33.23 36.54 -1.46
C ILE B 479 -34.49 36.69 -0.61
N SER B 480 -34.52 35.95 0.49
CA SER B 480 -35.63 36.00 1.44
C SER B 480 -35.78 37.37 2.06
N VAL B 481 -36.99 37.65 2.52
CA VAL B 481 -37.24 38.92 3.20
C VAL B 481 -37.73 38.67 4.63
N GLU B 482 -36.77 38.47 5.52
CA GLU B 482 -37.00 38.15 6.93
C GLU B 482 -37.79 36.84 7.08
#